data_2IVD
#
_entry.id   2IVD
#
_cell.length_a   148.918
_cell.length_b   148.918
_cell.length_c   131.924
_cell.angle_alpha   90.00
_cell.angle_beta   90.00
_cell.angle_gamma   90.00
#
_symmetry.space_group_name_H-M   'P 4 21 2'
#
loop_
_entity.id
_entity.type
_entity.pdbx_description
1 polymer 'PROTOPORPHYRINOGEN OXIDASE'
2 non-polymer '5-[2-CHLORO-4-(TRIFLUOROMETHYL)PHENOXY]-2-NITROBENZOIC ACID'
3 non-polymer 'FLAVIN-ADENINE DINUCLEOTIDE'
4 non-polymer GLYCEROL
5 non-polymer '(3S)-3-[(2S,3S,4R)-3,4-DIMETHYLTETRAHYDROFURAN-2-YL]BUTYL LAURATE'
6 water water
#
_entity_poly.entity_id   1
_entity_poly.type   'polypeptide(L)'
_entity_poly.pdbx_seq_one_letter_code
;MDHHHHHHHHMPRTTGMNVAVVGGGISGLAVAHHLRSRGTDAVLLESSARLGGAVGTHALAGYLVEQGPNSFLDREPATR
ALAAALNLEGRIRAADPAAKRRYVYTRGRLRSVPASPPAFLASDILPLGARLRVAGELFSRRAPEGVDESLAAFGRRHLG
HRATQVLLDAVQTGIYAGDVEQLSVAATFPMLVKMEREHRSLILGAIRAQKAQRQAALPAGTAPKLSGALSTFDGGLQVL
IDALAASLGDAAHVGARVEGLAREDGGWRLIIEEHGRRAELSVAQVVLAAPAHATAKLLRPLDDALAALVAGIAYAPIAV
VHLGFDAGTLPAPDGFGFLVPAEEQRRMLGAIHASTTFPFRAEGGRVLYSCMVGGARQPGLVEQDEDALAALAREELKAL
AGVTARPSFTRVFRWPLGIPQYNLGHLERVAAIDAALQRLPGLHLIGNAYKGVGLNDCIRNAAQLADALVAGNTSHAP
;
_entity_poly.pdbx_strand_id   A,B
#
# COMPACT_ATOMS: atom_id res chain seq x y z
N MET A 17 38.56 25.61 -33.07
CA MET A 17 37.45 26.45 -32.54
C MET A 17 36.05 25.92 -32.95
N ASN A 18 35.91 25.56 -34.22
CA ASN A 18 34.62 25.13 -34.76
C ASN A 18 34.36 23.62 -34.74
N VAL A 19 33.08 23.27 -34.66
CA VAL A 19 32.62 21.88 -34.68
C VAL A 19 31.47 21.78 -35.69
N ALA A 20 31.54 20.76 -36.54
CA ALA A 20 30.39 20.38 -37.36
C ALA A 20 29.69 19.21 -36.69
N VAL A 21 28.36 19.25 -36.69
CA VAL A 21 27.55 18.18 -36.16
C VAL A 21 26.72 17.66 -37.33
N VAL A 22 26.81 16.35 -37.56
CA VAL A 22 26.16 15.74 -38.71
C VAL A 22 24.95 14.95 -38.20
N GLY A 23 23.76 15.36 -38.64
CA GLY A 23 22.52 14.75 -38.19
C GLY A 23 21.78 15.62 -37.19
N GLY A 24 20.49 15.79 -37.42
CA GLY A 24 19.67 16.66 -36.59
C GLY A 24 18.50 15.99 -35.90
N GLY A 25 18.73 14.80 -35.36
CA GLY A 25 17.77 14.18 -34.44
C GLY A 25 18.13 14.69 -33.06
N ILE A 26 17.47 14.17 -32.03
CA ILE A 26 17.71 14.64 -30.66
C ILE A 26 19.19 14.68 -30.25
N SER A 27 19.98 13.70 -30.69
CA SER A 27 21.39 13.62 -30.31
C SER A 27 22.23 14.75 -30.92
N GLY A 28 22.03 14.99 -32.21
CA GLY A 28 22.73 16.05 -32.91
C GLY A 28 22.34 17.42 -32.41
N LEU A 29 21.03 17.64 -32.29
CA LEU A 29 20.49 18.89 -31.75
C LEU A 29 21.01 19.21 -30.35
N ALA A 30 21.02 18.20 -29.47
CA ALA A 30 21.46 18.38 -28.09
C ALA A 30 22.96 18.61 -27.95
N VAL A 31 23.74 18.01 -28.84
CA VAL A 31 25.20 18.21 -28.88
C VAL A 31 25.54 19.64 -29.32
N ALA A 32 24.91 20.08 -30.41
CA ALA A 32 25.11 21.43 -30.96
C ALA A 32 24.66 22.52 -29.98
N HIS A 33 23.50 22.29 -29.34
CA HIS A 33 22.98 23.20 -28.34
C HIS A 33 23.91 23.33 -27.12
N HIS A 34 24.41 22.21 -26.61
CA HIS A 34 25.26 22.21 -25.41
C HIS A 34 26.62 22.87 -25.68
N LEU A 35 27.12 22.68 -26.91
CA LEU A 35 28.35 23.32 -27.36
C LEU A 35 28.15 24.84 -27.43
N ARG A 36 27.07 25.28 -28.07
CA ARG A 36 26.81 26.71 -28.22
C ARG A 36 26.55 27.42 -26.89
N SER A 37 25.82 26.75 -25.99
CA SER A 37 25.52 27.28 -24.65
C SER A 37 26.77 27.42 -23.77
N ARG A 38 27.87 26.81 -24.18
CA ARG A 38 29.13 26.95 -23.47
C ARG A 38 30.18 27.73 -24.28
N GLY A 39 29.74 28.37 -25.35
CA GLY A 39 30.59 29.23 -26.15
C GLY A 39 31.50 28.54 -27.16
N THR A 40 31.03 27.42 -27.71
CA THR A 40 31.71 26.76 -28.81
C THR A 40 30.77 26.82 -30.00
N ASP A 41 31.19 27.51 -31.06
CA ASP A 41 30.35 27.60 -32.25
C ASP A 41 30.26 26.24 -32.93
N ALA A 42 29.02 25.80 -33.15
CA ALA A 42 28.76 24.55 -33.84
C ALA A 42 27.82 24.80 -35.00
N VAL A 43 28.08 24.13 -36.11
CA VAL A 43 27.17 24.10 -37.26
C VAL A 43 26.60 22.69 -37.36
N LEU A 44 25.29 22.59 -37.47
CA LEU A 44 24.62 21.30 -37.61
C LEU A 44 24.02 21.14 -39.01
N LEU A 45 24.23 19.97 -39.60
CA LEU A 45 23.72 19.65 -40.93
C LEU A 45 22.75 18.47 -40.90
N GLU A 46 21.52 18.73 -41.32
CA GLU A 46 20.45 17.75 -41.39
C GLU A 46 20.09 17.53 -42.85
N SER A 47 20.00 16.28 -43.27
CA SER A 47 19.72 15.95 -44.68
C SER A 47 18.24 16.13 -45.04
N SER A 48 17.36 15.89 -44.08
CA SER A 48 15.91 16.07 -44.24
C SER A 48 15.52 17.55 -44.31
N ALA A 49 14.29 17.79 -44.76
CA ALA A 49 13.71 19.14 -44.81
C ALA A 49 13.36 19.71 -43.42
N ARG A 50 13.28 18.84 -42.42
CA ARG A 50 12.95 19.23 -41.04
C ARG A 50 13.88 18.60 -39.99
N LEU A 51 14.08 19.33 -38.89
CA LEU A 51 14.80 18.81 -37.73
C LEU A 51 13.95 17.83 -36.91
N GLY A 52 14.61 17.10 -36.01
CA GLY A 52 13.91 16.22 -35.08
C GLY A 52 14.27 14.75 -35.17
N GLY A 53 14.61 14.30 -36.37
CA GLY A 53 14.90 12.89 -36.63
C GLY A 53 13.66 12.05 -36.43
N ALA A 54 13.75 11.09 -35.50
CA ALA A 54 12.63 10.22 -35.12
C ALA A 54 11.48 10.95 -34.43
N VAL A 55 11.82 12.02 -33.72
CA VAL A 55 10.85 12.86 -32.98
C VAL A 55 10.07 13.81 -33.90
N GLY A 56 8.74 13.72 -33.83
CA GLY A 56 7.86 14.60 -34.57
C GLY A 56 6.41 14.45 -34.16
N THR A 57 5.79 15.56 -33.78
CA THR A 57 4.35 15.56 -33.46
C THR A 57 3.57 16.28 -34.55
N HIS A 58 2.44 15.71 -34.93
CA HIS A 58 1.62 16.24 -36.02
C HIS A 58 0.22 16.56 -35.51
N ALA A 59 -0.21 17.80 -35.73
CA ALA A 59 -1.58 18.20 -35.44
C ALA A 59 -2.48 17.85 -36.63
N LEU A 60 -3.29 16.81 -36.46
CA LEU A 60 -4.18 16.31 -37.52
C LEU A 60 -5.51 15.86 -36.91
N ALA A 61 -6.61 16.31 -37.53
CA ALA A 61 -7.97 15.88 -37.21
C ALA A 61 -8.36 15.98 -35.71
N GLY A 62 -7.81 16.98 -35.03
CA GLY A 62 -8.11 17.22 -33.62
C GLY A 62 -7.20 16.49 -32.64
N TYR A 63 -6.19 15.81 -33.19
CA TYR A 63 -5.22 15.06 -32.38
C TYR A 63 -3.84 15.69 -32.48
N LEU A 64 -3.02 15.43 -31.46
CA LEU A 64 -1.57 15.51 -31.59
C LEU A 64 -1.04 14.06 -31.74
N VAL A 65 -0.62 13.67 -32.94
CA VAL A 65 -0.08 12.32 -33.15
C VAL A 65 1.45 12.30 -33.20
N GLU A 66 2.06 11.34 -32.52
CA GLU A 66 3.51 11.20 -32.50
C GLU A 66 4.05 10.31 -33.62
N GLN A 67 5.02 10.84 -34.37
CA GLN A 67 5.75 10.12 -35.42
C GLN A 67 6.32 8.82 -34.92
N GLY A 68 7.14 8.93 -33.87
CA GLY A 68 7.79 7.80 -33.25
C GLY A 68 7.61 7.82 -31.74
N PRO A 69 8.60 8.36 -31.02
CA PRO A 69 8.57 8.44 -29.55
C PRO A 69 7.34 9.18 -28.99
N ASN A 70 6.83 8.70 -27.86
CA ASN A 70 5.65 9.28 -27.23
C ASN A 70 5.94 9.98 -25.90
N SER A 71 7.02 9.58 -25.23
CA SER A 71 7.29 10.08 -23.88
C SER A 71 8.69 9.77 -23.41
N PHE A 72 9.05 10.36 -22.27
CA PHE A 72 10.29 10.07 -21.58
C PHE A 72 9.94 9.88 -20.11
N LEU A 73 10.76 9.13 -19.38
CA LEU A 73 10.59 8.99 -17.94
C LEU A 73 11.30 10.14 -17.27
N ASP A 74 10.53 10.92 -16.50
CA ASP A 74 11.03 12.13 -15.85
C ASP A 74 11.94 11.77 -14.66
N ARG A 75 13.09 11.19 -14.98
CA ARG A 75 14.04 10.66 -14.02
C ARG A 75 15.50 10.99 -14.38
N GLU A 76 15.71 11.67 -15.51
CA GLU A 76 17.05 12.02 -16.00
C GLU A 76 17.35 13.51 -15.78
N PRO A 77 18.35 13.83 -14.94
CA PRO A 77 18.81 15.21 -14.70
C PRO A 77 19.14 16.02 -15.97
N ALA A 78 19.82 15.39 -16.93
CA ALA A 78 20.20 16.00 -18.20
C ALA A 78 19.02 16.50 -19.04
N THR A 79 17.90 15.79 -18.97
CA THR A 79 16.68 16.18 -19.70
C THR A 79 15.99 17.35 -18.99
N ARG A 80 16.11 17.41 -17.67
CA ARG A 80 15.61 18.52 -16.89
C ARG A 80 16.49 19.76 -17.05
N ALA A 81 17.81 19.56 -17.09
CA ALA A 81 18.75 20.65 -17.30
C ALA A 81 18.56 21.29 -18.69
N LEU A 82 18.22 20.44 -19.66
CA LEU A 82 17.97 20.89 -21.04
C LEU A 82 16.64 21.61 -21.16
N ALA A 83 15.59 21.09 -20.53
CA ALA A 83 14.29 21.78 -20.49
C ALA A 83 14.39 23.15 -19.78
N ALA A 84 15.19 23.21 -18.71
CA ALA A 84 15.48 24.45 -17.99
C ALA A 84 16.23 25.47 -18.85
N ALA A 85 17.26 25.01 -19.55
CA ALA A 85 18.06 25.86 -20.45
C ALA A 85 17.24 26.41 -21.61
N LEU A 86 16.10 25.76 -21.88
CA LEU A 86 15.27 26.05 -23.03
C LEU A 86 13.93 26.68 -22.60
N ASN A 87 13.81 26.94 -21.29
CA ASN A 87 12.59 27.47 -20.69
C ASN A 87 11.35 26.60 -20.96
N LEU A 88 11.53 25.30 -20.79
CA LEU A 88 10.48 24.31 -21.10
C LEU A 88 9.85 23.61 -19.88
N GLU A 89 10.44 23.80 -18.69
CA GLU A 89 9.97 23.11 -17.48
C GLU A 89 8.49 23.23 -17.14
N GLY A 90 7.89 24.39 -17.43
CA GLY A 90 6.46 24.58 -17.23
C GLY A 90 5.58 23.96 -18.31
N ARG A 91 6.20 23.45 -19.37
CA ARG A 91 5.46 22.87 -20.48
C ARG A 91 5.45 21.33 -20.41
N ILE A 92 6.24 20.79 -19.47
CA ILE A 92 6.34 19.35 -19.18
C ILE A 92 4.98 18.87 -18.61
N ARG A 93 4.48 17.77 -19.17
CA ARG A 93 3.20 17.22 -18.76
C ARG A 93 3.35 15.78 -18.28
N ALA A 94 2.65 15.47 -17.19
CA ALA A 94 2.69 14.15 -16.60
C ALA A 94 1.72 13.14 -17.19
N ALA A 95 1.83 11.90 -16.73
CA ALA A 95 1.06 10.79 -17.31
C ALA A 95 -0.39 10.57 -16.87
N ASP A 96 -1.28 11.41 -17.41
CA ASP A 96 -2.74 11.29 -17.26
C ASP A 96 -3.37 11.06 -15.88
N PRO A 97 -4.67 11.28 -15.87
CA PRO A 97 -5.50 11.11 -14.67
C PRO A 97 -5.35 9.68 -14.08
N ALA A 98 -6.12 8.68 -14.56
CA ALA A 98 -5.99 7.26 -14.08
C ALA A 98 -4.72 6.77 -14.80
N ALA A 99 -4.78 5.62 -15.48
CA ALA A 99 -3.81 5.41 -16.54
C ALA A 99 -2.44 5.03 -15.97
N LYS A 100 -2.45 4.38 -14.82
CA LYS A 100 -1.21 3.92 -14.18
C LYS A 100 -1.03 2.42 -14.37
N ARG A 101 -2.07 1.76 -14.86
CA ARG A 101 -2.00 0.34 -15.20
C ARG A 101 -1.31 0.08 -16.55
N ARG A 102 -0.56 -1.02 -16.60
CA ARG A 102 -0.06 -1.59 -17.85
C ARG A 102 -0.73 -2.94 -18.05
N TYR A 103 -0.96 -3.33 -19.29
CA TYR A 103 -1.54 -4.63 -19.59
C TYR A 103 -0.62 -5.47 -20.46
N VAL A 104 -0.72 -6.78 -20.30
CA VAL A 104 -0.03 -7.73 -21.16
C VAL A 104 -1.08 -8.74 -21.65
N TYR A 105 -1.14 -8.95 -22.96
CA TYR A 105 -1.96 -10.04 -23.49
C TYR A 105 -1.27 -11.38 -23.27
N THR A 106 -1.88 -12.21 -22.44
CA THR A 106 -1.34 -13.52 -22.12
C THR A 106 -2.47 -14.43 -21.65
N ARG A 107 -2.45 -15.69 -22.10
CA ARG A 107 -3.47 -16.66 -21.74
C ARG A 107 -4.91 -16.16 -21.99
N GLY A 108 -5.13 -15.69 -23.22
CA GLY A 108 -6.48 -15.42 -23.72
C GLY A 108 -7.11 -14.06 -23.44
N ARG A 109 -6.41 -13.19 -22.73
CA ARG A 109 -6.96 -11.86 -22.41
C ARG A 109 -5.89 -10.86 -22.02
N LEU A 110 -6.23 -9.57 -22.10
CA LEU A 110 -5.41 -8.51 -21.54
C LEU A 110 -5.42 -8.63 -20.03
N ARG A 111 -4.22 -8.64 -19.45
CA ARG A 111 -4.04 -8.88 -18.02
C ARG A 111 -3.23 -7.75 -17.40
N SER A 112 -3.74 -7.20 -16.31
CA SER A 112 -3.10 -6.13 -15.56
C SER A 112 -1.71 -6.52 -15.01
N VAL A 113 -0.72 -5.67 -15.23
CA VAL A 113 0.63 -5.90 -14.73
C VAL A 113 0.72 -5.34 -13.30
N PRO A 114 0.95 -6.23 -12.32
CA PRO A 114 0.96 -5.82 -10.91
C PRO A 114 2.13 -4.89 -10.60
N ALA A 115 1.86 -3.84 -9.84
CA ALA A 115 2.85 -2.78 -9.60
C ALA A 115 3.63 -2.95 -8.29
N SER A 116 3.09 -3.72 -7.35
CA SER A 116 3.77 -4.01 -6.09
C SER A 116 4.02 -5.51 -5.94
N PRO A 117 5.00 -5.90 -5.08
CA PRO A 117 5.21 -7.33 -4.80
C PRO A 117 4.00 -8.06 -4.17
N PRO A 118 3.28 -7.42 -3.21
CA PRO A 118 2.07 -8.09 -2.71
C PRO A 118 0.95 -8.25 -3.77
N ALA A 119 0.76 -7.25 -4.63
CA ALA A 119 -0.23 -7.36 -5.71
C ALA A 119 0.15 -8.44 -6.72
N PHE A 120 1.47 -8.62 -6.93
CA PHE A 120 2.01 -9.63 -7.84
C PHE A 120 1.74 -11.07 -7.39
N LEU A 121 1.97 -11.33 -6.11
CA LEU A 121 1.76 -12.67 -5.55
C LEU A 121 0.29 -13.13 -5.58
N ALA A 122 -0.62 -12.16 -5.54
CA ALA A 122 -2.06 -12.43 -5.61
C ALA A 122 -2.66 -12.31 -7.02
N SER A 123 -1.81 -12.10 -8.02
CA SER A 123 -2.23 -11.80 -9.39
C SER A 123 -2.38 -13.03 -10.29
N ASP A 124 -3.21 -12.93 -11.32
CA ASP A 124 -3.37 -13.99 -12.31
C ASP A 124 -2.49 -13.80 -13.55
N ILE A 125 -1.60 -12.81 -13.50
CA ILE A 125 -0.68 -12.51 -14.60
C ILE A 125 0.19 -13.72 -15.00
N LEU A 126 0.47 -14.58 -14.01
CA LEU A 126 1.25 -15.80 -14.19
C LEU A 126 0.66 -16.90 -13.32
N PRO A 127 0.85 -18.19 -13.70
CA PRO A 127 0.38 -19.29 -12.84
C PRO A 127 1.11 -19.36 -11.49
N LEU A 128 0.53 -20.04 -10.51
CA LEU A 128 1.01 -19.96 -9.12
C LEU A 128 2.47 -20.37 -8.89
N GLY A 129 2.88 -21.51 -9.46
CA GLY A 129 4.27 -21.98 -9.36
C GLY A 129 5.28 -21.01 -9.97
N ALA A 130 4.86 -20.36 -11.05
CA ALA A 130 5.67 -19.36 -11.75
C ALA A 130 5.84 -18.05 -10.95
N ARG A 131 4.81 -17.67 -10.20
CA ARG A 131 4.85 -16.53 -9.27
C ARG A 131 5.76 -16.85 -8.08
N LEU A 132 5.68 -18.09 -7.61
CA LEU A 132 6.51 -18.56 -6.51
C LEU A 132 7.97 -18.57 -6.94
N ARG A 133 8.21 -18.92 -8.20
CA ARG A 133 9.55 -18.92 -8.83
C ARG A 133 10.18 -17.52 -8.95
N VAL A 134 9.36 -16.50 -9.12
CA VAL A 134 9.82 -15.10 -9.11
C VAL A 134 10.33 -14.72 -7.71
N ALA A 135 9.63 -15.17 -6.67
CA ALA A 135 10.10 -15.02 -5.28
C ALA A 135 11.40 -15.77 -5.02
N GLY A 136 11.59 -16.89 -5.72
CA GLY A 136 12.83 -17.66 -5.66
C GLY A 136 14.02 -17.01 -6.37
N GLU A 137 13.85 -15.78 -6.86
CA GLU A 137 14.94 -14.97 -7.43
C GLU A 137 16.00 -14.71 -6.35
N LEU A 138 15.59 -14.73 -5.09
CA LEU A 138 16.51 -14.68 -3.95
C LEU A 138 17.62 -15.72 -4.03
N PHE A 139 17.31 -16.84 -4.65
CA PHE A 139 18.24 -17.96 -4.78
C PHE A 139 18.87 -18.10 -6.16
N SER A 140 18.83 -17.02 -6.95
CA SER A 140 19.47 -17.00 -8.28
C SER A 140 20.92 -17.45 -8.22
N ARG A 141 21.25 -18.29 -9.20
CA ARG A 141 22.61 -18.78 -9.35
C ARG A 141 23.47 -17.68 -9.93
N ARG A 142 24.78 -17.82 -9.76
CA ARG A 142 25.78 -16.87 -10.29
C ARG A 142 25.63 -16.69 -11.81
N ALA A 143 25.82 -15.46 -12.28
CA ALA A 143 25.91 -15.16 -13.71
C ALA A 143 27.03 -15.98 -14.39
N PRO A 144 26.80 -16.39 -15.65
CA PRO A 144 27.91 -17.09 -16.33
C PRO A 144 29.14 -16.18 -16.43
N GLU A 145 30.30 -16.69 -16.01
CA GLU A 145 31.52 -15.89 -15.92
C GLU A 145 32.12 -15.53 -17.29
N GLY A 146 32.23 -14.23 -17.54
CA GLY A 146 32.84 -13.69 -18.74
C GLY A 146 31.99 -13.81 -19.98
N VAL A 147 30.69 -14.01 -19.79
CA VAL A 147 29.76 -14.26 -20.88
C VAL A 147 28.84 -13.06 -21.03
N ASP A 148 28.70 -12.60 -22.26
CA ASP A 148 27.73 -11.56 -22.60
C ASP A 148 26.38 -12.22 -22.78
N GLU A 149 25.70 -12.45 -21.66
CA GLU A 149 24.54 -13.30 -21.66
C GLU A 149 23.32 -12.55 -22.21
N SER A 150 22.41 -13.31 -22.82
CA SER A 150 21.21 -12.70 -23.40
C SER A 150 20.25 -12.28 -22.33
N LEU A 151 19.25 -11.49 -22.72
CA LEU A 151 18.19 -11.04 -21.82
C LEU A 151 17.36 -12.24 -21.36
N ALA A 152 17.04 -13.12 -22.31
CA ALA A 152 16.25 -14.32 -22.06
C ALA A 152 16.94 -15.33 -21.14
N ALA A 153 18.26 -15.47 -21.30
CA ALA A 153 19.09 -16.31 -20.44
C ALA A 153 19.18 -15.74 -19.02
N PHE A 154 19.35 -14.42 -18.95
CA PHE A 154 19.33 -13.66 -17.71
C PHE A 154 18.02 -13.88 -16.98
N GLY A 155 16.91 -13.76 -17.71
CA GLY A 155 15.59 -13.98 -17.14
C GLY A 155 15.29 -15.39 -16.65
N ARG A 156 15.70 -16.39 -17.42
CA ARG A 156 15.46 -17.78 -17.02
C ARG A 156 16.17 -18.07 -15.71
N ARG A 157 17.38 -17.51 -15.57
CA ARG A 157 18.22 -17.72 -14.40
C ARG A 157 17.65 -17.04 -13.15
N HIS A 158 17.25 -15.78 -13.31
CA HIS A 158 16.68 -14.97 -12.22
C HIS A 158 15.19 -15.25 -11.96
N LEU A 159 14.39 -15.26 -13.02
CA LEU A 159 12.91 -15.11 -12.93
C LEU A 159 12.08 -16.39 -13.13
N GLY A 160 12.65 -17.35 -13.84
CA GLY A 160 11.89 -18.48 -14.36
C GLY A 160 11.54 -18.29 -15.83
N HIS A 161 11.08 -19.35 -16.47
CA HIS A 161 10.63 -19.32 -17.86
C HIS A 161 9.36 -18.49 -18.12
N ARG A 162 8.35 -18.67 -17.29
CA ARG A 162 7.08 -17.94 -17.50
C ARG A 162 7.24 -16.42 -17.41
N ALA A 163 7.93 -15.94 -16.37
CA ALA A 163 8.13 -14.50 -16.16
C ALA A 163 8.95 -13.86 -17.28
N THR A 164 9.93 -14.61 -17.79
CA THR A 164 10.78 -14.19 -18.89
C THR A 164 9.98 -14.15 -20.20
N GLN A 165 9.26 -15.24 -20.46
CA GLN A 165 8.48 -15.37 -21.69
C GLN A 165 7.53 -14.19 -21.87
N VAL A 166 6.80 -13.87 -20.80
CA VAL A 166 5.61 -13.02 -20.91
C VAL A 166 5.91 -11.60 -20.44
N LEU A 167 6.76 -11.48 -19.42
CA LEU A 167 6.89 -10.24 -18.68
C LEU A 167 8.14 -9.48 -19.10
N LEU A 168 9.29 -10.14 -19.02
CA LEU A 168 10.54 -9.56 -19.48
C LEU A 168 10.53 -9.37 -20.99
N ASP A 169 9.86 -10.29 -21.70
CA ASP A 169 9.68 -10.16 -23.12
C ASP A 169 8.81 -8.94 -23.50
N ALA A 170 7.80 -8.66 -22.67
CA ALA A 170 6.94 -7.49 -22.83
C ALA A 170 7.72 -6.18 -22.66
N VAL A 171 8.43 -6.06 -21.53
CA VAL A 171 9.29 -4.92 -21.21
C VAL A 171 10.28 -4.59 -22.34
N GLN A 172 10.91 -5.64 -22.88
CA GLN A 172 11.84 -5.60 -24.00
C GLN A 172 11.15 -5.09 -25.29
N THR A 173 9.92 -5.54 -25.51
CA THR A 173 9.16 -5.18 -26.70
C THR A 173 8.79 -3.68 -26.68
N GLY A 174 8.35 -3.21 -25.52
CA GLY A 174 7.98 -1.81 -25.35
C GLY A 174 9.11 -0.81 -25.47
N ILE A 175 10.36 -1.27 -25.39
CA ILE A 175 11.54 -0.40 -25.44
C ILE A 175 12.38 -0.58 -26.73
N TYR A 176 12.58 -1.83 -27.15
CA TYR A 176 13.50 -2.09 -28.28
C TYR A 176 12.83 -2.70 -29.51
N ALA A 177 11.61 -3.23 -29.35
CA ALA A 177 10.96 -3.99 -30.41
C ALA A 177 11.92 -5.08 -30.91
N GLY A 178 12.58 -5.75 -29.96
CA GLY A 178 13.63 -6.69 -30.30
C GLY A 178 13.26 -8.15 -30.17
N ASP A 179 14.31 -8.94 -29.98
CA ASP A 179 14.25 -10.38 -29.79
C ASP A 179 14.93 -10.65 -28.46
N VAL A 180 14.17 -11.19 -27.52
CA VAL A 180 14.65 -11.43 -26.15
C VAL A 180 15.84 -12.43 -26.12
N GLU A 181 15.91 -13.33 -27.10
CA GLU A 181 16.99 -14.31 -27.20
C GLU A 181 18.30 -13.72 -27.73
N GLN A 182 18.22 -12.57 -28.37
CA GLN A 182 19.38 -11.95 -29.02
C GLN A 182 19.92 -10.73 -28.29
N LEU A 183 19.10 -10.07 -27.49
CA LEU A 183 19.53 -8.88 -26.76
C LEU A 183 20.53 -9.16 -25.64
N SER A 184 21.56 -8.33 -25.58
CA SER A 184 22.52 -8.36 -24.49
C SER A 184 21.91 -7.66 -23.27
N VAL A 185 21.70 -8.40 -22.18
CA VAL A 185 21.22 -7.79 -20.94
C VAL A 185 22.16 -6.68 -20.42
N ALA A 186 23.49 -6.87 -20.55
CA ALA A 186 24.49 -5.88 -20.14
C ALA A 186 24.46 -4.56 -20.94
N ALA A 187 24.15 -4.63 -22.24
CA ALA A 187 23.96 -3.43 -23.06
C ALA A 187 22.58 -2.78 -22.88
N THR A 188 21.54 -3.59 -22.81
CA THR A 188 20.14 -3.12 -22.73
C THR A 188 19.69 -2.68 -21.32
N PHE A 189 20.21 -3.34 -20.29
CA PHE A 189 19.85 -3.04 -18.89
C PHE A 189 21.10 -3.00 -17.99
N PRO A 190 21.98 -2.00 -18.19
CA PRO A 190 23.24 -1.89 -17.42
C PRO A 190 23.05 -1.99 -15.90
N MET A 191 21.99 -1.38 -15.38
CA MET A 191 21.73 -1.36 -13.95
C MET A 191 21.29 -2.66 -13.32
N LEU A 192 20.71 -3.56 -14.12
CA LEU A 192 20.36 -4.91 -13.67
C LEU A 192 21.60 -5.77 -13.50
N VAL A 193 22.55 -5.60 -14.41
CA VAL A 193 23.82 -6.31 -14.42
C VAL A 193 24.75 -5.83 -13.28
N LYS A 194 24.71 -4.53 -13.00
CA LYS A 194 25.48 -3.96 -11.90
C LYS A 194 24.99 -4.45 -10.54
N MET A 195 23.67 -4.44 -10.35
CA MET A 195 23.05 -4.95 -9.13
C MET A 195 23.31 -6.45 -8.94
N GLU A 196 23.28 -7.18 -10.04
CA GLU A 196 23.65 -8.59 -10.06
C GLU A 196 25.12 -8.81 -9.63
N ARG A 197 26.01 -7.98 -10.18
CA ARG A 197 27.43 -8.03 -9.83
C ARG A 197 27.64 -7.78 -8.32
N GLU A 198 26.96 -6.76 -7.80
CA GLU A 198 27.12 -6.39 -6.40
C GLU A 198 26.34 -7.30 -5.43
N HIS A 199 25.17 -7.79 -5.85
CA HIS A 199 24.27 -8.51 -4.94
C HIS A 199 23.77 -9.90 -5.36
N ARG A 200 24.18 -10.38 -6.53
CA ARG A 200 23.68 -11.67 -7.05
C ARG A 200 22.16 -11.66 -7.32
N SER A 201 21.38 -11.54 -6.25
CA SER A 201 19.93 -11.45 -6.34
C SER A 201 19.48 -10.00 -6.47
N LEU A 202 18.52 -9.76 -7.38
CA LEU A 202 17.89 -8.45 -7.60
C LEU A 202 16.99 -8.04 -6.44
N ILE A 203 16.23 -8.99 -5.89
CA ILE A 203 15.44 -8.78 -4.67
C ILE A 203 16.36 -8.39 -3.49
N LEU A 204 17.46 -9.10 -3.31
CA LEU A 204 18.44 -8.76 -2.26
C LEU A 204 19.00 -7.35 -2.41
N GLY A 205 19.43 -7.02 -3.63
CA GLY A 205 19.92 -5.69 -3.96
C GLY A 205 18.96 -4.57 -3.66
N ALA A 206 17.67 -4.83 -3.84
CA ALA A 206 16.60 -3.87 -3.58
C ALA A 206 16.33 -3.67 -2.08
N ILE A 207 16.27 -4.78 -1.34
CA ILE A 207 16.16 -4.76 0.13
C ILE A 207 17.31 -3.97 0.74
N ARG A 208 18.53 -4.24 0.27
CA ARG A 208 19.72 -3.55 0.74
C ARG A 208 19.79 -2.08 0.32
N ALA A 209 19.29 -1.76 -0.88
CA ALA A 209 19.29 -0.38 -1.36
C ALA A 209 18.31 0.47 -0.57
N GLN A 210 17.16 -0.13 -0.23
CA GLN A 210 16.17 0.52 0.62
C GLN A 210 16.72 0.77 2.03
N LYS A 211 17.49 -0.18 2.56
CA LYS A 211 18.17 -0.01 3.84
C LYS A 211 19.14 1.18 3.82
N ALA A 212 19.88 1.30 2.71
CA ALA A 212 20.92 2.31 2.54
C ALA A 212 20.39 3.74 2.47
N GLN A 213 19.35 3.95 1.66
CA GLN A 213 18.72 5.27 1.51
C GLN A 213 17.96 5.71 2.77
N ARG A 214 17.38 4.74 3.48
CA ARG A 214 16.70 4.97 4.75
C ARG A 214 17.65 5.35 5.90
N GLN A 215 18.94 5.52 5.57
CA GLN A 215 19.95 5.96 6.54
C GLN A 215 20.65 7.26 6.11
N ALA A 216 19.98 8.38 6.35
CA ALA A 216 20.44 9.74 6.01
C ALA A 216 20.62 9.99 4.50
N GLY A 221 18.83 17.29 -1.91
CA GLY A 221 17.99 18.05 -0.96
C GLY A 221 18.05 19.56 -1.16
N THR A 222 18.43 20.00 -2.35
CA THR A 222 18.40 21.42 -2.73
C THR A 222 17.50 21.63 -3.95
N ALA A 223 17.69 20.77 -4.95
CA ALA A 223 16.87 20.76 -6.16
C ALA A 223 15.64 19.87 -5.94
N PRO A 224 14.52 20.15 -6.64
CA PRO A 224 13.34 19.29 -6.48
C PRO A 224 13.56 17.83 -6.92
N LYS A 225 12.87 16.91 -6.25
CA LYS A 225 13.02 15.49 -6.52
C LYS A 225 12.26 15.04 -7.79
N LEU A 226 12.98 14.38 -8.69
CA LEU A 226 12.41 13.87 -9.94
C LEU A 226 11.42 12.74 -9.67
N SER A 227 10.24 12.84 -10.29
CA SER A 227 9.16 11.90 -10.01
C SER A 227 9.28 10.55 -10.73
N GLY A 228 10.01 10.53 -11.85
CA GLY A 228 10.13 9.32 -12.65
C GLY A 228 8.89 9.05 -13.48
N ALA A 229 7.93 9.96 -13.41
CA ALA A 229 6.65 9.86 -14.12
C ALA A 229 6.82 9.87 -15.65
N LEU A 230 5.94 9.13 -16.32
CA LEU A 230 5.88 9.06 -17.77
C LEU A 230 5.41 10.40 -18.35
N SER A 231 6.32 11.11 -19.04
CA SER A 231 6.08 12.52 -19.38
C SER A 231 6.21 12.89 -20.85
N THR A 232 5.64 14.03 -21.21
CA THR A 232 5.80 14.66 -22.52
C THR A 232 5.71 16.19 -22.37
N PHE A 233 5.44 16.91 -23.46
CA PHE A 233 5.20 18.36 -23.38
C PHE A 233 3.78 18.69 -23.79
N ASP A 234 3.33 19.91 -23.49
CA ASP A 234 1.96 20.34 -23.81
C ASP A 234 1.56 20.15 -25.28
N GLY A 235 2.49 20.37 -26.20
CA GLY A 235 2.22 20.18 -27.64
C GLY A 235 2.89 18.96 -28.26
N GLY A 236 3.27 18.00 -27.42
CA GLY A 236 3.96 16.80 -27.86
C GLY A 236 5.45 16.98 -27.67
N LEU A 237 6.23 16.01 -28.11
CA LEU A 237 7.69 16.12 -28.01
C LEU A 237 8.26 17.08 -29.07
N GLN A 238 7.41 17.49 -30.02
CA GLN A 238 7.71 18.56 -30.96
C GLN A 238 8.10 19.87 -30.27
N VAL A 239 7.51 20.14 -29.11
CA VAL A 239 7.85 21.32 -28.33
C VAL A 239 9.36 21.34 -28.06
N LEU A 240 9.94 20.22 -27.65
CA LEU A 240 11.39 20.14 -27.44
C LEU A 240 12.17 20.38 -28.74
N ILE A 241 11.61 19.93 -29.86
CA ILE A 241 12.31 20.05 -31.15
C ILE A 241 12.26 21.48 -31.70
N ASP A 242 11.07 22.07 -31.71
CA ASP A 242 10.84 23.47 -32.10
C ASP A 242 11.74 24.42 -31.31
N ALA A 243 11.96 24.09 -30.04
CA ALA A 243 12.75 24.90 -29.13
C ALA A 243 14.25 24.81 -29.38
N LEU A 244 14.74 23.61 -29.71
CA LEU A 244 16.14 23.42 -30.14
C LEU A 244 16.40 24.11 -31.48
N ALA A 245 15.45 23.98 -32.41
CA ALA A 245 15.52 24.59 -33.73
C ALA A 245 15.59 26.12 -33.64
N ALA A 246 14.76 26.70 -32.77
CA ALA A 246 14.75 28.14 -32.51
C ALA A 246 15.98 28.62 -31.76
N SER A 247 16.51 27.79 -30.86
CA SER A 247 17.73 28.13 -30.12
C SER A 247 18.96 28.19 -31.05
N LEU A 248 19.11 27.18 -31.90
CA LEU A 248 20.23 27.12 -32.83
C LEU A 248 20.07 28.10 -34.01
N GLY A 249 18.83 28.27 -34.47
CA GLY A 249 18.54 29.16 -35.60
C GLY A 249 19.42 28.84 -36.80
N ASP A 250 20.23 29.82 -37.20
CA ASP A 250 21.07 29.76 -38.40
C ASP A 250 22.20 28.74 -38.38
N ALA A 251 22.62 28.35 -37.18
CA ALA A 251 23.70 27.39 -37.00
C ALA A 251 23.32 25.97 -37.43
N ALA A 252 22.02 25.74 -37.64
CA ALA A 252 21.52 24.42 -38.03
C ALA A 252 20.87 24.45 -39.41
N HIS A 253 21.48 23.72 -40.34
CA HIS A 253 21.05 23.72 -41.73
C HIS A 253 20.19 22.50 -42.06
N VAL A 254 19.08 22.76 -42.73
CA VAL A 254 18.14 21.74 -43.14
C VAL A 254 18.39 21.44 -44.63
N GLY A 255 18.11 20.20 -45.05
CA GLY A 255 18.37 19.79 -46.43
C GLY A 255 19.83 19.91 -46.82
N ALA A 256 20.71 19.68 -45.84
CA ALA A 256 22.15 19.65 -46.06
C ALA A 256 22.73 18.24 -45.80
N ARG A 257 22.70 17.40 -46.84
CA ARG A 257 23.29 16.06 -46.80
C ARG A 257 24.82 16.08 -46.89
N VAL A 258 25.47 15.57 -45.86
CA VAL A 258 26.92 15.36 -45.87
C VAL A 258 27.20 14.08 -46.64
N GLU A 259 27.97 14.17 -47.73
CA GLU A 259 28.34 12.97 -48.47
C GLU A 259 29.83 12.62 -48.48
N GLY A 260 30.61 13.36 -47.73
CA GLY A 260 32.02 13.04 -47.59
C GLY A 260 32.69 13.76 -46.45
N LEU A 261 33.73 13.12 -45.91
CA LEU A 261 34.65 13.78 -44.98
C LEU A 261 36.05 13.17 -45.04
N ALA A 262 37.06 14.01 -44.84
CA ALA A 262 38.47 13.59 -44.89
C ALA A 262 39.35 14.54 -44.08
N ARG A 263 40.55 14.08 -43.75
CA ARG A 263 41.53 14.87 -42.99
C ARG A 263 42.11 16.05 -43.80
N GLU A 264 42.68 17.03 -43.08
CA GLU A 264 43.40 18.17 -43.70
C GLU A 264 44.26 18.95 -42.68
N GLY A 267 42.56 18.28 -38.84
CA GLY A 267 41.48 19.14 -39.32
C GLY A 267 40.24 18.31 -39.67
N TRP A 268 39.52 18.67 -40.73
CA TRP A 268 38.35 17.91 -41.22
C TRP A 268 37.57 18.78 -42.17
N ARG A 269 37.40 18.22 -43.36
CA ARG A 269 36.70 18.82 -44.48
C ARG A 269 35.44 18.02 -44.82
N LEU A 270 34.30 18.70 -44.87
CA LEU A 270 33.02 18.06 -45.22
C LEU A 270 32.55 18.49 -46.59
N ILE A 271 32.13 17.51 -47.40
CA ILE A 271 31.48 17.80 -48.66
C ILE A 271 29.99 17.72 -48.41
N ILE A 272 29.30 18.83 -48.67
CA ILE A 272 27.90 18.99 -48.35
C ILE A 272 27.09 19.22 -49.62
N GLU A 273 25.91 18.61 -49.68
CA GLU A 273 24.98 18.83 -50.78
C GLU A 273 23.74 19.58 -50.29
N GLU A 274 23.77 20.90 -50.46
CA GLU A 274 22.69 21.79 -50.05
C GLU A 274 22.22 22.63 -51.24
N HIS A 275 20.90 22.66 -51.45
CA HIS A 275 20.26 23.34 -52.59
C HIS A 275 20.67 22.73 -53.95
N GLY A 276 20.75 21.39 -53.97
CA GLY A 276 21.10 20.65 -55.19
C GLY A 276 22.51 20.83 -55.72
N ARG A 277 23.37 21.51 -54.95
CA ARG A 277 24.75 21.81 -55.35
C ARG A 277 25.77 21.40 -54.28
N ARG A 278 27.03 21.29 -54.69
CA ARG A 278 28.13 20.91 -53.81
C ARG A 278 28.75 22.11 -53.10
N ALA A 279 29.00 21.96 -51.80
CA ALA A 279 29.74 22.96 -51.04
C ALA A 279 30.74 22.26 -50.13
N GLU A 280 31.67 23.02 -49.56
CA GLU A 280 32.69 22.47 -48.67
C GLU A 280 32.82 23.27 -47.38
N LEU A 281 33.19 22.60 -46.30
CA LEU A 281 33.27 23.20 -44.98
C LEU A 281 34.49 22.65 -44.27
N SER A 282 35.18 23.51 -43.53
CA SER A 282 36.38 23.12 -42.80
C SER A 282 36.22 23.43 -41.33
N VAL A 283 36.33 22.40 -40.50
CA VAL A 283 36.16 22.54 -39.05
C VAL A 283 37.29 21.83 -38.31
N ALA A 284 37.47 22.17 -37.04
CA ALA A 284 38.46 21.52 -36.20
C ALA A 284 38.05 20.09 -35.83
N GLN A 285 36.75 19.89 -35.58
CA GLN A 285 36.22 18.62 -35.08
C GLN A 285 34.86 18.27 -35.66
N VAL A 286 34.66 16.98 -35.91
CA VAL A 286 33.39 16.49 -36.41
C VAL A 286 32.69 15.55 -35.41
N VAL A 287 31.39 15.78 -35.25
CA VAL A 287 30.53 14.92 -34.47
C VAL A 287 29.48 14.30 -35.40
N LEU A 288 29.59 12.98 -35.58
CA LEU A 288 28.62 12.24 -36.39
C LEU A 288 27.49 11.71 -35.52
N ALA A 289 26.28 12.19 -35.80
CA ALA A 289 25.10 11.90 -34.99
C ALA A 289 24.02 11.26 -35.84
N ALA A 290 24.44 10.78 -37.03
CA ALA A 290 23.59 10.03 -37.94
C ALA A 290 23.49 8.56 -37.51
N PRO A 291 22.44 7.84 -37.99
CA PRO A 291 22.29 6.40 -37.72
C PRO A 291 23.50 5.59 -38.20
N ALA A 292 23.65 4.38 -37.67
CA ALA A 292 24.82 3.53 -37.96
C ALA A 292 25.11 3.37 -39.47
N HIS A 293 24.09 3.07 -40.27
CA HIS A 293 24.26 2.83 -41.71
C HIS A 293 24.79 4.04 -42.49
N ALA A 294 24.34 5.23 -42.10
CA ALA A 294 24.74 6.50 -42.71
C ALA A 294 26.13 6.97 -42.25
N THR A 295 26.44 6.75 -40.98
CA THR A 295 27.72 7.13 -40.37
C THR A 295 28.84 6.19 -40.86
N ALA A 296 28.46 4.96 -41.16
CA ALA A 296 29.37 3.95 -41.69
C ALA A 296 29.79 4.31 -43.11
N LYS A 297 28.85 4.77 -43.92
CA LYS A 297 29.11 5.23 -45.27
C LYS A 297 30.16 6.36 -45.31
N LEU A 298 30.08 7.30 -44.36
CA LEU A 298 31.03 8.41 -44.22
C LEU A 298 32.40 8.00 -43.69
N LEU A 299 32.42 7.00 -42.81
CA LEU A 299 33.65 6.51 -42.18
C LEU A 299 34.49 5.62 -43.10
N ARG A 300 33.84 4.98 -44.07
CA ARG A 300 34.48 4.00 -44.96
C ARG A 300 35.83 4.41 -45.60
N PRO A 301 35.92 5.61 -46.21
CA PRO A 301 37.21 6.01 -46.80
C PRO A 301 38.35 6.25 -45.79
N LEU A 302 37.98 6.51 -44.53
CA LEU A 302 38.94 6.80 -43.47
C LEU A 302 39.46 5.53 -42.79
N ASP A 303 38.54 4.60 -42.56
CA ASP A 303 38.83 3.33 -41.88
C ASP A 303 37.73 2.34 -42.23
N ASP A 304 38.08 1.36 -43.06
CA ASP A 304 37.15 0.32 -43.53
C ASP A 304 36.72 -0.63 -42.40
N ALA A 305 37.65 -0.94 -41.50
CA ALA A 305 37.38 -1.84 -40.38
C ALA A 305 36.44 -1.20 -39.35
N LEU A 306 36.60 0.11 -39.13
CA LEU A 306 35.76 0.89 -38.23
C LEU A 306 34.35 1.00 -38.79
N ALA A 307 34.24 1.42 -40.05
CA ALA A 307 32.95 1.49 -40.74
C ALA A 307 32.19 0.14 -40.75
N ALA A 308 32.90 -0.97 -40.85
CA ALA A 308 32.29 -2.31 -40.81
C ALA A 308 31.70 -2.63 -39.43
N LEU A 309 32.41 -2.23 -38.37
CA LEU A 309 31.94 -2.38 -37.00
C LEU A 309 30.65 -1.60 -36.82
N VAL A 310 30.68 -0.32 -37.22
CA VAL A 310 29.54 0.58 -37.17
C VAL A 310 28.38 0.07 -38.06
N ALA A 311 28.71 -0.38 -39.26
CA ALA A 311 27.73 -0.94 -40.21
C ALA A 311 27.08 -2.25 -39.72
N GLY A 312 27.76 -2.93 -38.80
CA GLY A 312 27.24 -4.18 -38.23
C GLY A 312 26.20 -4.03 -37.13
N ILE A 313 25.84 -2.79 -36.77
CA ILE A 313 24.80 -2.56 -35.77
C ILE A 313 23.43 -2.73 -36.41
N ALA A 314 22.72 -3.77 -35.99
CA ALA A 314 21.40 -4.09 -36.54
C ALA A 314 20.34 -3.10 -36.05
N TYR A 315 19.38 -2.84 -36.92
CA TYR A 315 18.21 -2.05 -36.59
C TYR A 315 17.00 -2.94 -36.82
N ALA A 316 15.96 -2.76 -36.02
CA ALA A 316 14.67 -3.43 -36.25
C ALA A 316 13.65 -2.44 -36.81
N PRO A 317 13.02 -2.79 -37.95
CA PRO A 317 11.94 -1.99 -38.55
C PRO A 317 10.70 -1.94 -37.67
N ILE A 318 10.02 -0.80 -37.70
CA ILE A 318 8.83 -0.61 -36.90
C ILE A 318 7.85 0.34 -37.59
N ALA A 319 6.56 0.00 -37.56
CA ALA A 319 5.51 0.89 -38.02
C ALA A 319 4.60 1.30 -36.87
N VAL A 320 4.18 2.56 -36.84
CA VAL A 320 3.10 2.97 -35.93
C VAL A 320 1.82 3.24 -36.71
N VAL A 321 0.74 2.55 -36.33
CA VAL A 321 -0.59 2.77 -36.90
C VAL A 321 -1.45 3.51 -35.86
N HIS A 322 -1.76 4.76 -36.16
CA HIS A 322 -2.64 5.57 -35.31
C HIS A 322 -4.09 5.38 -35.75
N LEU A 323 -4.96 5.10 -34.78
CA LEU A 323 -6.40 4.96 -35.04
C LEU A 323 -7.21 5.89 -34.13
N GLY A 324 -7.85 6.87 -34.75
CA GLY A 324 -8.71 7.83 -34.04
C GLY A 324 -10.18 7.46 -34.12
N PHE A 325 -10.90 7.68 -33.03
CA PHE A 325 -12.31 7.31 -32.91
C PHE A 325 -13.13 8.49 -32.42
N ASP A 326 -14.32 8.67 -32.99
CA ASP A 326 -15.25 9.72 -32.58
C ASP A 326 -15.67 9.49 -31.14
N ALA A 327 -15.75 10.56 -30.35
CA ALA A 327 -16.25 10.47 -28.98
C ALA A 327 -17.57 9.72 -28.94
N GLY A 328 -17.66 8.73 -28.05
CA GLY A 328 -18.88 7.93 -27.89
C GLY A 328 -18.92 6.60 -28.62
N THR A 329 -18.13 6.47 -29.70
CA THR A 329 -18.14 5.27 -30.54
C THR A 329 -17.48 4.05 -29.87
N LEU A 330 -16.58 4.31 -28.94
CA LEU A 330 -16.04 3.29 -28.04
C LEU A 330 -15.68 3.95 -26.70
N PRO A 331 -15.53 3.14 -25.63
CA PRO A 331 -15.06 3.72 -24.37
C PRO A 331 -13.57 4.06 -24.38
N ALA A 332 -13.18 4.98 -23.51
CA ALA A 332 -11.77 5.27 -23.27
C ALA A 332 -11.11 4.03 -22.65
N PRO A 333 -10.10 3.46 -23.35
CA PRO A 333 -9.37 2.30 -22.82
C PRO A 333 -8.59 2.66 -21.56
N ASP A 334 -8.71 1.82 -20.53
CA ASP A 334 -7.96 2.02 -19.30
C ASP A 334 -6.47 1.68 -19.46
N GLY A 335 -5.62 2.41 -18.74
CA GLY A 335 -4.19 2.17 -18.72
C GLY A 335 -3.40 2.93 -19.75
N PHE A 336 -2.07 2.86 -19.64
CA PHE A 336 -1.13 3.48 -20.58
C PHE A 336 -1.20 2.81 -21.96
N GLY A 337 -1.46 1.50 -21.97
CA GLY A 337 -1.52 0.71 -23.18
C GLY A 337 -1.32 -0.77 -22.85
N PHE A 338 -1.03 -1.57 -23.87
CA PHE A 338 -0.73 -2.98 -23.66
C PHE A 338 0.42 -3.48 -24.52
N LEU A 339 0.93 -4.64 -24.14
CA LEU A 339 2.07 -5.24 -24.80
C LEU A 339 1.69 -6.70 -25.04
N VAL A 340 2.21 -7.28 -26.11
CA VAL A 340 1.94 -8.69 -26.41
C VAL A 340 3.24 -9.46 -26.62
N PRO A 341 3.46 -10.50 -25.79
CA PRO A 341 4.66 -11.35 -25.89
C PRO A 341 4.72 -12.06 -27.23
N ALA A 342 5.94 -12.35 -27.68
CA ALA A 342 6.19 -13.00 -28.96
C ALA A 342 5.64 -14.42 -29.03
N GLU A 343 5.54 -15.08 -27.87
CA GLU A 343 5.03 -16.44 -27.78
C GLU A 343 3.54 -16.53 -28.08
N GLU A 344 2.86 -15.38 -28.06
CA GLU A 344 1.44 -15.31 -28.38
C GLU A 344 1.21 -15.39 -29.90
N GLN A 345 2.28 -15.18 -30.67
CA GLN A 345 2.29 -15.34 -32.13
C GLN A 345 1.28 -14.42 -32.81
N ARG A 346 1.41 -13.14 -32.50
CA ARG A 346 0.51 -12.10 -32.96
C ARG A 346 1.23 -11.16 -33.93
N ARG A 347 0.47 -10.38 -34.68
CA ARG A 347 1.04 -9.50 -35.70
C ARG A 347 1.16 -8.05 -35.24
N MET A 348 0.79 -7.80 -33.98
CA MET A 348 0.95 -6.49 -33.38
C MET A 348 1.79 -6.61 -32.08
N LEU A 349 2.62 -5.60 -31.82
CA LEU A 349 3.51 -5.60 -30.64
C LEU A 349 2.85 -5.05 -29.37
N GLY A 350 1.87 -4.17 -29.54
CA GLY A 350 1.15 -3.50 -28.46
C GLY A 350 0.61 -2.15 -28.91
N ALA A 351 -0.03 -1.42 -27.99
CA ALA A 351 -0.59 -0.08 -28.29
C ALA A 351 -0.68 0.85 -27.07
N ILE A 352 -0.43 2.14 -27.30
CA ILE A 352 -0.79 3.28 -26.41
C ILE A 352 -2.11 3.77 -27.08
N HIS A 353 -3.31 3.86 -26.46
CA HIS A 353 -3.78 4.58 -25.22
C HIS A 353 -3.20 5.99 -25.04
N ALA A 354 -2.92 6.63 -26.17
CA ALA A 354 -2.34 7.98 -26.24
C ALA A 354 -3.21 9.05 -25.57
N SER A 355 -4.52 9.00 -25.81
CA SER A 355 -5.45 9.98 -25.28
C SER A 355 -5.76 9.78 -23.80
N THR A 356 -5.71 8.53 -23.34
CA THR A 356 -5.92 8.23 -21.92
C THR A 356 -4.74 8.75 -21.11
N THR A 357 -3.55 8.44 -21.61
CA THR A 357 -2.29 8.84 -20.99
C THR A 357 -2.12 10.37 -20.99
N PHE A 358 -2.39 10.98 -22.15
CA PHE A 358 -2.25 12.41 -22.34
C PHE A 358 -3.54 12.97 -22.97
N PRO A 359 -4.50 13.39 -22.13
CA PRO A 359 -5.83 13.82 -22.62
C PRO A 359 -5.78 15.07 -23.51
N PHE A 360 -4.76 15.90 -23.33
CA PHE A 360 -4.58 17.14 -24.09
C PHE A 360 -4.22 16.92 -25.56
N ARG A 361 -3.82 15.68 -25.89
CA ARG A 361 -3.39 15.34 -27.24
C ARG A 361 -4.55 14.91 -28.13
N ALA A 362 -5.76 15.01 -27.58
CA ALA A 362 -6.98 14.75 -28.32
C ALA A 362 -8.05 15.73 -27.87
N GLU A 363 -8.70 16.37 -28.84
CA GLU A 363 -9.74 17.36 -28.53
C GLU A 363 -11.13 16.74 -28.58
N GLY A 364 -12.03 17.24 -27.73
CA GLY A 364 -13.45 16.92 -27.81
C GLY A 364 -13.85 15.47 -27.61
N GLY A 365 -13.18 14.79 -26.68
CA GLY A 365 -13.52 13.40 -26.31
C GLY A 365 -13.05 12.29 -27.25
N ARG A 366 -12.29 12.65 -28.29
CA ARG A 366 -11.82 11.68 -29.27
C ARG A 366 -10.79 10.70 -28.68
N VAL A 367 -10.90 9.43 -29.07
CA VAL A 367 -10.02 8.39 -28.53
C VAL A 367 -8.95 7.93 -29.55
N LEU A 368 -7.68 8.03 -29.16
CA LEU A 368 -6.54 7.66 -30.00
C LEU A 368 -5.73 6.45 -29.48
N TYR A 369 -5.60 5.44 -30.34
CA TYR A 369 -4.67 4.32 -30.19
C TYR A 369 -3.49 4.49 -31.11
N SER A 370 -2.28 4.25 -30.60
CA SER A 370 -1.05 4.24 -31.41
C SER A 370 -0.46 2.84 -31.35
N CYS A 371 -0.70 2.06 -32.41
CA CYS A 371 -0.38 0.65 -32.45
C CYS A 371 0.98 0.42 -33.08
N MET A 372 1.75 -0.49 -32.51
CA MET A 372 3.12 -0.73 -32.96
C MET A 372 3.22 -2.07 -33.65
N VAL A 373 3.82 -2.07 -34.84
CA VAL A 373 3.86 -3.27 -35.68
C VAL A 373 5.26 -3.48 -36.21
N GLY A 374 5.70 -4.74 -36.22
CA GLY A 374 6.99 -5.11 -36.79
C GLY A 374 7.96 -5.68 -35.76
N GLY A 375 9.05 -4.96 -35.53
CA GLY A 375 10.08 -5.38 -34.58
C GLY A 375 11.05 -6.39 -35.19
N ALA A 376 12.02 -6.85 -34.39
CA ALA A 376 13.05 -7.77 -34.88
C ALA A 376 12.50 -9.12 -35.39
N ARG A 377 11.46 -9.65 -34.74
CA ARG A 377 10.95 -10.97 -35.10
C ARG A 377 9.94 -11.01 -36.26
N GLN A 378 9.39 -9.85 -36.63
CA GLN A 378 8.49 -9.74 -37.77
C GLN A 378 8.77 -8.45 -38.59
N PRO A 379 10.01 -8.30 -39.11
CA PRO A 379 10.35 -7.06 -39.84
C PRO A 379 9.63 -6.86 -41.18
N GLY A 380 9.20 -7.97 -41.80
CA GLY A 380 8.53 -7.93 -43.10
C GLY A 380 7.18 -7.22 -43.13
N LEU A 381 6.50 -7.15 -41.98
CA LEU A 381 5.21 -6.45 -41.86
C LEU A 381 5.33 -4.94 -42.10
N VAL A 382 6.51 -4.38 -41.85
CA VAL A 382 6.74 -2.94 -42.00
C VAL A 382 6.88 -2.55 -43.49
N GLU A 383 7.23 -3.54 -44.32
CA GLU A 383 7.33 -3.36 -45.77
C GLU A 383 5.95 -3.33 -46.48
N GLN A 384 4.89 -3.57 -45.72
CA GLN A 384 3.54 -3.49 -46.26
C GLN A 384 3.08 -2.04 -46.41
N ASP A 385 2.08 -1.80 -47.25
CA ASP A 385 1.51 -0.46 -47.43
C ASP A 385 0.57 -0.11 -46.29
N GLU A 386 0.20 1.17 -46.24
CA GLU A 386 -0.50 1.76 -45.10
C GLU A 386 -1.90 1.21 -44.90
N ASP A 387 -2.60 0.93 -46.00
CA ASP A 387 -3.93 0.30 -45.96
C ASP A 387 -3.88 -1.09 -45.32
N ALA A 388 -2.86 -1.87 -45.67
CA ALA A 388 -2.67 -3.22 -45.14
C ALA A 388 -2.26 -3.20 -43.66
N LEU A 389 -1.44 -2.22 -43.29
CA LEU A 389 -1.04 -2.05 -41.89
C LEU A 389 -2.17 -1.57 -41.00
N ALA A 390 -3.06 -0.74 -41.54
CA ALA A 390 -4.23 -0.28 -40.81
C ALA A 390 -5.23 -1.41 -40.60
N ALA A 391 -5.39 -2.27 -41.60
CA ALA A 391 -6.26 -3.44 -41.52
C ALA A 391 -5.74 -4.46 -40.49
N LEU A 392 -4.43 -4.69 -40.51
CA LEU A 392 -3.74 -5.54 -39.55
C LEU A 392 -3.96 -5.04 -38.10
N ALA A 393 -3.69 -3.76 -37.88
CA ALA A 393 -3.89 -3.12 -36.58
C ALA A 393 -5.34 -3.25 -36.09
N ARG A 394 -6.29 -3.11 -37.01
CA ARG A 394 -7.71 -3.21 -36.68
C ARG A 394 -8.14 -4.64 -36.32
N GLU A 395 -7.60 -5.62 -37.05
CA GLU A 395 -7.86 -7.04 -36.79
C GLU A 395 -7.31 -7.46 -35.43
N GLU A 396 -6.05 -7.09 -35.19
CA GLU A 396 -5.37 -7.43 -33.94
C GLU A 396 -6.00 -6.73 -32.74
N LEU A 397 -6.32 -5.46 -32.88
CA LEU A 397 -6.96 -4.70 -31.81
C LEU A 397 -8.36 -5.25 -31.48
N LYS A 398 -8.99 -5.87 -32.47
CA LYS A 398 -10.27 -6.58 -32.29
C LYS A 398 -10.08 -7.90 -31.51
N ALA A 399 -9.15 -8.72 -31.96
CA ALA A 399 -8.87 -10.03 -31.36
C ALA A 399 -8.31 -9.93 -29.95
N LEU A 400 -7.43 -8.95 -29.70
CA LEU A 400 -6.74 -8.80 -28.42
C LEU A 400 -7.40 -7.84 -27.42
N ALA A 401 -7.98 -6.75 -27.94
CA ALA A 401 -8.57 -5.73 -27.08
C ALA A 401 -10.10 -5.70 -27.10
N GLY A 402 -10.69 -6.38 -28.09
CA GLY A 402 -12.14 -6.39 -28.30
C GLY A 402 -12.69 -5.12 -28.95
N VAL A 403 -11.86 -4.45 -29.73
CA VAL A 403 -12.25 -3.20 -30.42
C VAL A 403 -12.94 -3.54 -31.76
N THR A 404 -14.23 -3.25 -31.84
CA THR A 404 -15.02 -3.55 -33.05
C THR A 404 -15.37 -2.30 -33.86
N ALA A 405 -15.37 -1.14 -33.20
CA ALA A 405 -15.73 0.13 -33.80
C ALA A 405 -14.86 0.51 -35.01
N ARG A 406 -15.44 1.30 -35.92
CA ARG A 406 -14.72 1.82 -37.09
C ARG A 406 -14.07 3.15 -36.76
N PRO A 407 -12.76 3.28 -37.02
CA PRO A 407 -12.04 4.54 -36.78
C PRO A 407 -12.40 5.63 -37.80
N SER A 408 -12.39 6.88 -37.34
CA SER A 408 -12.67 8.04 -38.20
C SER A 408 -11.37 8.75 -38.58
N PHE A 409 -10.26 8.24 -38.06
CA PHE A 409 -8.93 8.78 -38.34
C PHE A 409 -7.93 7.64 -38.46
N THR A 410 -7.01 7.76 -39.40
CA THR A 410 -5.97 6.76 -39.62
C THR A 410 -4.72 7.42 -40.16
N ARG A 411 -3.62 7.24 -39.43
CA ARG A 411 -2.32 7.72 -39.87
C ARG A 411 -1.23 6.70 -39.55
N VAL A 412 -0.48 6.33 -40.60
CA VAL A 412 0.58 5.32 -40.50
C VAL A 412 1.95 5.93 -40.77
N PHE A 413 2.88 5.71 -39.84
CA PHE A 413 4.29 6.05 -40.04
C PHE A 413 5.15 4.78 -40.04
N ARG A 414 5.99 4.65 -41.06
CA ARG A 414 6.87 3.48 -41.22
C ARG A 414 8.35 3.83 -41.04
N TRP A 415 8.99 3.13 -40.10
CA TRP A 415 10.40 3.33 -39.75
C TRP A 415 11.19 2.05 -39.97
N PRO A 416 11.71 1.86 -41.18
CA PRO A 416 12.39 0.61 -41.53
C PRO A 416 13.89 0.83 -41.75
N LEU A 417 14.42 1.92 -41.23
CA LEU A 417 15.51 1.86 -40.27
C LEU A 417 15.02 2.08 -38.85
N GLY A 418 14.90 0.99 -38.09
CA GLY A 418 13.90 0.89 -37.03
C GLY A 418 14.14 1.29 -35.59
N ILE A 419 14.81 0.41 -34.85
CA ILE A 419 15.33 0.74 -33.53
C ILE A 419 16.60 -0.09 -33.43
N PRO A 420 17.66 0.52 -32.93
CA PRO A 420 18.95 -0.17 -32.77
C PRO A 420 18.83 -1.40 -31.88
N GLN A 421 19.45 -2.50 -32.29
CA GLN A 421 19.38 -3.75 -31.52
C GLN A 421 20.71 -4.03 -30.84
N TYR A 422 20.73 -3.90 -29.51
CA TYR A 422 21.94 -4.12 -28.74
C TYR A 422 22.02 -5.61 -28.44
N ASN A 423 22.39 -6.36 -29.47
CA ASN A 423 22.41 -7.82 -29.43
C ASN A 423 23.74 -8.32 -28.86
N LEU A 424 23.84 -9.62 -28.60
CA LEU A 424 25.09 -10.23 -28.14
C LEU A 424 26.31 -9.69 -28.89
N GLY A 425 27.34 -9.32 -28.12
CA GLY A 425 28.56 -8.76 -28.69
C GLY A 425 28.54 -7.25 -28.87
N HIS A 426 27.43 -6.60 -28.53
CA HIS A 426 27.29 -5.15 -28.74
C HIS A 426 28.33 -4.30 -28.00
N LEU A 427 28.52 -4.58 -26.72
CA LEU A 427 29.47 -3.83 -25.88
C LEU A 427 30.92 -3.94 -26.37
N GLU A 428 31.31 -5.12 -26.83
CA GLU A 428 32.67 -5.33 -27.36
C GLU A 428 32.84 -4.65 -28.72
N ARG A 429 31.75 -4.57 -29.48
CA ARG A 429 31.70 -3.82 -30.73
C ARG A 429 31.92 -2.32 -30.48
N VAL A 430 31.14 -1.75 -29.55
CA VAL A 430 31.25 -0.33 -29.20
C VAL A 430 32.63 0.01 -28.62
N ALA A 431 33.18 -0.91 -27.83
CA ALA A 431 34.53 -0.76 -27.30
C ALA A 431 35.58 -0.69 -28.41
N ALA A 432 35.43 -1.54 -29.42
CA ALA A 432 36.31 -1.53 -30.60
C ALA A 432 36.05 -0.33 -31.53
N ILE A 433 34.80 0.15 -31.57
CA ILE A 433 34.46 1.41 -32.25
C ILE A 433 35.16 2.59 -31.57
N ASP A 434 35.19 2.58 -30.24
CA ASP A 434 35.84 3.64 -29.45
C ASP A 434 37.36 3.66 -29.66
N ALA A 435 37.97 2.47 -29.65
CA ALA A 435 39.41 2.31 -29.82
C ALA A 435 39.90 2.74 -31.22
N ALA A 436 39.07 2.53 -32.23
CA ALA A 436 39.38 2.98 -33.58
C ALA A 436 39.23 4.50 -33.74
N LEU A 437 38.38 5.11 -32.93
CA LEU A 437 38.15 6.57 -32.98
C LEU A 437 39.30 7.38 -32.40
N GLN A 438 40.05 6.77 -31.47
CA GLN A 438 41.24 7.39 -30.88
C GLN A 438 42.35 7.64 -31.91
N ARG A 439 42.50 6.71 -32.86
CA ARG A 439 43.45 6.84 -33.95
C ARG A 439 42.98 7.80 -35.04
N LEU A 440 41.90 8.54 -34.76
CA LEU A 440 41.36 9.55 -35.69
C LEU A 440 40.96 10.82 -34.93
N PRO A 441 41.94 11.70 -34.61
CA PRO A 441 41.69 12.89 -33.78
C PRO A 441 40.62 13.84 -34.34
N GLY A 442 39.77 14.33 -33.44
CA GLY A 442 38.72 15.30 -33.79
C GLY A 442 37.50 14.67 -34.44
N LEU A 443 37.38 13.35 -34.31
CA LEU A 443 36.23 12.61 -34.82
C LEU A 443 35.47 11.97 -33.64
N HIS A 444 34.14 12.10 -33.63
CA HIS A 444 33.33 11.67 -32.49
C HIS A 444 31.98 11.13 -32.96
N LEU A 445 31.53 10.04 -32.31
CA LEU A 445 30.21 9.49 -32.60
C LEU A 445 29.23 9.75 -31.46
N ILE A 446 27.97 9.97 -31.83
CA ILE A 446 26.87 10.10 -30.88
C ILE A 446 25.61 9.62 -31.59
N GLY A 447 24.58 9.25 -30.83
CA GLY A 447 23.33 8.77 -31.42
C GLY A 447 22.86 7.48 -30.80
N ASN A 448 21.65 7.07 -31.17
CA ASN A 448 20.98 5.90 -30.55
C ASN A 448 21.62 4.53 -30.80
N ALA A 449 22.55 4.46 -31.76
CA ALA A 449 23.21 3.21 -32.17
C ALA A 449 24.19 2.63 -31.14
N TYR A 450 24.74 3.48 -30.27
CA TYR A 450 25.88 3.08 -29.42
C TYR A 450 25.58 2.86 -27.93
N LYS A 451 25.22 3.93 -27.22
CA LYS A 451 25.22 3.91 -25.75
C LYS A 451 23.89 4.27 -25.10
N GLY A 452 22.80 3.95 -25.78
CA GLY A 452 21.47 4.23 -25.25
C GLY A 452 20.53 4.69 -26.34
N VAL A 453 19.40 4.00 -26.42
CA VAL A 453 18.40 4.18 -27.48
C VAL A 453 17.42 5.32 -27.16
N GLY A 454 17.04 5.47 -25.89
CA GLY A 454 16.00 6.41 -25.51
C GLY A 454 16.38 7.88 -25.51
N LEU A 455 15.37 8.72 -25.70
CA LEU A 455 15.46 10.19 -25.55
C LEU A 455 16.42 10.66 -24.43
N ASN A 456 16.21 10.17 -23.20
CA ASN A 456 17.01 10.51 -22.01
C ASN A 456 18.49 10.15 -22.12
N ASP A 457 18.77 8.98 -22.70
CA ASP A 457 20.13 8.48 -22.91
C ASP A 457 20.83 9.36 -23.94
N CYS A 458 20.15 9.60 -25.06
CA CYS A 458 20.64 10.48 -26.13
C CYS A 458 21.02 11.88 -25.64
N ILE A 459 20.16 12.48 -24.83
CA ILE A 459 20.37 13.81 -24.24
C ILE A 459 21.52 13.83 -23.23
N ARG A 460 21.53 12.87 -22.30
CA ARG A 460 22.65 12.73 -21.36
C ARG A 460 24.00 12.44 -22.05
N ASN A 461 23.99 11.58 -23.07
CA ASN A 461 25.23 11.25 -23.80
C ASN A 461 25.69 12.42 -24.65
N ALA A 462 24.72 13.16 -25.19
CA ALA A 462 24.99 14.36 -25.98
C ALA A 462 25.69 15.45 -25.16
N ALA A 463 25.17 15.72 -23.96
CA ALA A 463 25.76 16.72 -23.05
C ALA A 463 27.14 16.30 -22.58
N GLN A 464 27.30 15.01 -22.27
CA GLN A 464 28.58 14.48 -21.81
C GLN A 464 29.71 14.61 -22.86
N LEU A 465 29.39 14.38 -24.13
CA LEU A 465 30.34 14.58 -25.23
C LEU A 465 30.68 16.07 -25.41
N ALA A 466 29.65 16.91 -25.46
CA ALA A 466 29.81 18.36 -25.57
C ALA A 466 30.73 18.95 -24.49
N ASP A 467 30.57 18.49 -23.24
CA ASP A 467 31.42 18.92 -22.12
C ASP A 467 32.87 18.51 -22.31
N ALA A 468 33.08 17.29 -22.81
CA ALA A 468 34.41 16.73 -23.01
C ALA A 468 35.18 17.39 -24.16
N LEU A 469 34.45 17.92 -25.15
CA LEU A 469 35.06 18.60 -26.32
C LEU A 469 35.75 19.91 -25.84
N VAL A 470 35.10 20.62 -24.87
CA VAL A 470 35.76 21.81 -24.34
C VAL A 470 36.71 21.28 -23.30
N ALA A 471 37.87 21.13 -23.93
CA ALA A 471 39.12 20.63 -23.40
C ALA A 471 40.25 21.23 -24.25
N MET B 17 -44.37 -11.79 30.52
CA MET B 17 -44.78 -10.36 30.30
C MET B 17 -43.95 -9.40 31.14
N ASN B 18 -43.71 -9.74 32.40
CA ASN B 18 -42.97 -8.90 33.33
C ASN B 18 -41.55 -9.42 33.56
N VAL B 19 -40.55 -8.57 33.37
CA VAL B 19 -39.13 -8.96 33.50
C VAL B 19 -38.35 -8.01 34.42
N ALA B 20 -37.57 -8.58 35.34
CA ALA B 20 -36.66 -7.80 36.17
C ALA B 20 -35.22 -7.96 35.69
N VAL B 21 -34.53 -6.84 35.53
CA VAL B 21 -33.12 -6.83 35.15
C VAL B 21 -32.31 -6.30 36.33
N VAL B 22 -31.39 -7.13 36.83
CA VAL B 22 -30.55 -6.74 37.96
C VAL B 22 -29.21 -6.23 37.43
N GLY B 23 -28.93 -4.95 37.65
CA GLY B 23 -27.71 -4.33 37.16
C GLY B 23 -27.96 -3.41 35.98
N GLY B 24 -27.49 -2.17 36.09
CA GLY B 24 -27.67 -1.17 35.06
C GLY B 24 -26.39 -0.71 34.38
N GLY B 25 -25.47 -1.64 34.13
CA GLY B 25 -24.34 -1.38 33.25
C GLY B 25 -24.84 -1.49 31.83
N ILE B 26 -23.94 -1.46 30.85
CA ILE B 26 -24.36 -1.56 29.44
C ILE B 26 -25.16 -2.83 29.09
N SER B 27 -24.75 -3.98 29.63
CA SER B 27 -25.48 -5.23 29.44
C SER B 27 -26.91 -5.13 29.97
N GLY B 28 -27.05 -4.77 31.24
CA GLY B 28 -28.36 -4.60 31.85
C GLY B 28 -29.21 -3.58 31.15
N LEU B 29 -28.60 -2.42 30.85
CA LEU B 29 -29.27 -1.34 30.11
C LEU B 29 -29.79 -1.79 28.75
N ALA B 30 -28.96 -2.50 27.99
CA ALA B 30 -29.35 -2.97 26.65
C ALA B 30 -30.41 -4.08 26.64
N VAL B 31 -30.39 -4.95 27.65
CA VAL B 31 -31.44 -5.98 27.78
C VAL B 31 -32.79 -5.27 27.99
N ALA B 32 -32.79 -4.28 28.90
CA ALA B 32 -34.00 -3.59 29.32
C ALA B 32 -34.53 -2.67 28.23
N HIS B 33 -33.63 -1.93 27.57
CA HIS B 33 -34.03 -1.10 26.45
C HIS B 33 -34.68 -1.92 25.32
N HIS B 34 -34.11 -3.08 25.01
CA HIS B 34 -34.55 -3.86 23.85
C HIS B 34 -35.89 -4.53 24.08
N LEU B 35 -36.11 -5.00 25.31
CA LEU B 35 -37.38 -5.61 25.69
C LEU B 35 -38.53 -4.61 25.58
N ARG B 36 -38.30 -3.40 26.09
CA ARG B 36 -39.29 -2.33 26.04
C ARG B 36 -39.59 -1.87 24.60
N SER B 37 -38.57 -1.88 23.74
CA SER B 37 -38.73 -1.52 22.33
C SER B 37 -39.49 -2.59 21.53
N ARG B 38 -39.56 -3.80 22.09
CA ARG B 38 -40.31 -4.92 21.50
C ARG B 38 -41.64 -5.09 22.22
N GLY B 39 -41.98 -4.10 23.04
CA GLY B 39 -43.27 -4.03 23.74
C GLY B 39 -43.48 -4.99 24.89
N THR B 40 -42.41 -5.36 25.59
CA THR B 40 -42.57 -6.15 26.81
C THR B 40 -42.07 -5.39 28.04
N ASP B 41 -42.74 -5.62 29.18
CA ASP B 41 -42.46 -4.87 30.40
C ASP B 41 -41.14 -5.26 31.04
N ALA B 42 -40.35 -4.26 31.39
CA ALA B 42 -39.09 -4.50 32.08
C ALA B 42 -38.84 -3.46 33.16
N VAL B 43 -38.45 -3.95 34.34
CA VAL B 43 -37.97 -3.09 35.41
C VAL B 43 -36.48 -3.41 35.66
N LEU B 44 -35.65 -2.37 35.62
CA LEU B 44 -34.21 -2.52 35.83
C LEU B 44 -33.84 -1.99 37.19
N LEU B 45 -32.92 -2.69 37.87
CA LEU B 45 -32.51 -2.31 39.21
C LEU B 45 -30.98 -2.18 39.34
N GLU B 46 -30.54 -0.96 39.62
CA GLU B 46 -29.12 -0.66 39.78
C GLU B 46 -28.85 -0.24 41.23
N SER B 47 -27.87 -0.87 41.86
CA SER B 47 -27.56 -0.60 43.26
C SER B 47 -26.83 0.74 43.46
N SER B 48 -26.17 1.22 42.41
CA SER B 48 -25.41 2.46 42.44
C SER B 48 -26.30 3.69 42.24
N ALA B 49 -25.77 4.85 42.62
CA ALA B 49 -26.50 6.13 42.54
C ALA B 49 -26.74 6.55 41.10
N ARG B 50 -26.06 5.93 40.16
CA ARG B 50 -26.28 6.25 38.77
C ARG B 50 -25.99 5.04 37.95
N LEU B 51 -26.55 5.09 36.79
CA LEU B 51 -26.33 4.02 35.88
C LEU B 51 -24.95 4.05 35.32
N GLY B 52 -24.94 3.52 34.11
CA GLY B 52 -23.80 3.30 33.27
C GLY B 52 -23.25 1.94 33.66
N GLY B 53 -22.43 2.00 34.73
CA GLY B 53 -21.71 0.90 35.34
C GLY B 53 -20.24 1.28 35.19
N ALA B 54 -19.46 0.44 34.49
CA ALA B 54 -18.06 0.70 34.10
C ALA B 54 -17.94 1.93 33.17
N VAL B 55 -18.94 2.12 32.32
CA VAL B 55 -19.01 3.26 31.38
C VAL B 55 -19.34 4.58 32.08
N GLY B 56 -18.50 5.59 31.85
CA GLY B 56 -18.69 6.92 32.40
C GLY B 56 -17.66 7.95 31.95
N THR B 57 -18.14 9.07 31.44
CA THR B 57 -17.32 10.20 31.01
C THR B 57 -17.54 11.39 31.94
N HIS B 58 -16.44 11.98 32.40
CA HIS B 58 -16.48 13.04 33.39
C HIS B 58 -15.91 14.33 32.79
N ALA B 59 -16.70 15.40 32.88
CA ALA B 59 -16.28 16.73 32.41
C ALA B 59 -15.44 17.38 33.49
N LEU B 60 -14.13 17.38 33.29
CA LEU B 60 -13.20 17.86 34.29
C LEU B 60 -12.09 18.69 33.65
N ALA B 61 -11.91 19.90 34.17
CA ALA B 61 -10.80 20.82 33.84
C ALA B 61 -10.47 21.01 32.35
N GLY B 62 -11.49 20.97 31.49
CA GLY B 62 -11.30 21.14 30.06
C GLY B 62 -11.34 19.84 29.26
N TYR B 63 -11.17 18.72 29.97
CA TYR B 63 -11.14 17.40 29.36
C TYR B 63 -12.46 16.64 29.52
N LEU B 64 -12.73 15.74 28.58
CA LEU B 64 -13.72 14.68 28.77
C LEU B 64 -12.95 13.39 29.01
N VAL B 65 -12.90 12.95 30.28
CA VAL B 65 -12.16 11.74 30.64
C VAL B 65 -13.08 10.57 30.91
N GLU B 66 -12.67 9.39 30.46
CA GLU B 66 -13.42 8.16 30.66
C GLU B 66 -12.88 7.38 31.85
N GLN B 67 -13.78 6.97 32.74
CA GLN B 67 -13.43 6.16 33.92
C GLN B 67 -13.04 4.72 33.55
N GLY B 68 -13.66 4.17 32.50
CA GLY B 68 -13.38 2.81 32.06
C GLY B 68 -13.13 2.68 30.57
N PRO B 69 -14.10 2.12 29.82
CA PRO B 69 -14.04 2.02 28.36
C PRO B 69 -13.90 3.39 27.67
N ASN B 70 -13.15 3.42 26.57
CA ASN B 70 -12.90 4.65 25.80
C ASN B 70 -13.55 4.64 24.42
N SER B 71 -13.73 3.44 23.85
CA SER B 71 -14.11 3.29 22.45
C SER B 71 -14.68 1.91 22.11
N PHE B 72 -15.39 1.85 20.99
CA PHE B 72 -15.81 0.61 20.37
C PHE B 72 -15.36 0.65 18.92
N LEU B 73 -15.22 -0.52 18.30
CA LEU B 73 -14.93 -0.58 16.87
C LEU B 73 -16.26 -0.58 16.12
N ASP B 74 -16.37 0.28 15.10
CA ASP B 74 -17.61 0.45 14.35
C ASP B 74 -17.81 -0.69 13.34
N ARG B 75 -17.98 -1.91 13.86
CA ARG B 75 -18.23 -3.08 13.03
C ARG B 75 -19.33 -3.97 13.61
N GLU B 76 -20.04 -3.47 14.62
CA GLU B 76 -21.13 -4.22 15.23
C GLU B 76 -22.50 -3.65 14.85
N PRO B 77 -23.28 -4.41 14.04
CA PRO B 77 -24.62 -4.00 13.65
C PRO B 77 -25.54 -3.67 14.83
N ALA B 78 -25.45 -4.45 15.91
CA ALA B 78 -26.26 -4.27 17.12
C ALA B 78 -26.02 -2.94 17.83
N THR B 79 -24.77 -2.48 17.82
CA THR B 79 -24.39 -1.19 18.37
C THR B 79 -24.89 -0.03 17.51
N ARG B 80 -24.86 -0.23 16.19
CA ARG B 80 -25.44 0.73 15.24
C ARG B 80 -26.95 0.85 15.42
N ALA B 81 -27.62 -0.29 15.54
CA ALA B 81 -29.07 -0.35 15.79
C ALA B 81 -29.49 0.40 17.05
N LEU B 82 -28.75 0.17 18.14
CA LEU B 82 -29.04 0.79 19.43
C LEU B 82 -28.83 2.30 19.37
N ALA B 83 -27.75 2.73 18.73
CA ALA B 83 -27.49 4.16 18.49
C ALA B 83 -28.63 4.79 17.71
N ALA B 84 -29.09 4.12 16.65
CA ALA B 84 -30.23 4.57 15.84
C ALA B 84 -31.52 4.76 16.64
N ALA B 85 -31.82 3.77 17.50
CA ALA B 85 -33.01 3.79 18.36
C ALA B 85 -33.02 4.92 19.40
N LEU B 86 -31.83 5.41 19.74
CA LEU B 86 -31.68 6.50 20.71
C LEU B 86 -31.38 7.83 20.02
N ASN B 87 -31.51 7.82 18.68
CA ASN B 87 -31.15 8.95 17.80
C ASN B 87 -29.73 9.45 18.02
N LEU B 88 -28.79 8.51 18.12
CA LEU B 88 -27.41 8.84 18.50
C LEU B 88 -26.40 8.71 17.36
N GLU B 89 -26.84 8.15 16.23
CA GLU B 89 -25.96 7.93 15.08
C GLU B 89 -25.18 9.18 14.63
N GLY B 90 -25.83 10.34 14.71
CA GLY B 90 -25.20 11.61 14.34
C GLY B 90 -24.24 12.15 15.39
N ARG B 91 -24.03 11.41 16.46
CA ARG B 91 -23.11 11.82 17.53
C ARG B 91 -21.86 10.93 17.62
N ILE B 92 -21.77 9.95 16.71
CA ILE B 92 -20.62 9.04 16.61
C ILE B 92 -19.39 9.68 15.93
N ARG B 93 -18.21 9.39 16.45
CA ARG B 93 -16.97 9.80 15.80
C ARG B 93 -15.89 8.73 15.95
N ALA B 94 -15.42 8.22 14.82
CA ALA B 94 -14.16 7.48 14.77
C ALA B 94 -12.98 8.43 14.67
N ALA B 95 -11.77 7.89 14.83
CA ALA B 95 -10.73 8.55 15.62
C ALA B 95 -9.81 9.38 14.73
N ASP B 96 -10.13 10.66 14.60
CA ASP B 96 -9.43 11.53 13.66
C ASP B 96 -8.12 11.98 14.30
N PRO B 97 -7.52 13.03 13.77
CA PRO B 97 -6.94 13.17 12.43
C PRO B 97 -7.16 11.91 11.60
N ALA B 98 -6.08 11.20 11.31
CA ALA B 98 -5.90 9.83 11.81
C ALA B 98 -4.46 9.60 12.25
N ALA B 99 -4.17 9.90 13.51
CA ALA B 99 -3.19 9.15 14.28
C ALA B 99 -3.76 7.74 14.27
N LYS B 100 -3.18 6.88 13.44
CA LYS B 100 -3.73 5.54 13.22
C LYS B 100 -2.60 4.52 13.44
N ARG B 101 -1.42 5.00 13.84
CA ARG B 101 -0.34 4.12 14.24
C ARG B 101 -0.53 3.58 15.66
N ARG B 102 0.10 2.44 15.94
CA ARG B 102 0.11 1.84 17.27
C ARG B 102 1.54 1.54 17.71
N TYR B 103 1.85 1.75 18.98
CA TYR B 103 3.20 1.51 19.47
C TYR B 103 3.32 0.41 20.50
N VAL B 104 4.48 -0.26 20.49
CA VAL B 104 4.85 -1.22 21.52
C VAL B 104 6.22 -0.88 22.03
N TYR B 105 6.33 -0.72 23.34
CA TYR B 105 7.62 -0.54 23.98
C TYR B 105 8.32 -1.89 24.02
N THR B 106 9.39 -2.02 23.23
CA THR B 106 10.15 -3.26 23.14
C THR B 106 11.59 -2.93 22.76
N ARG B 107 12.54 -3.55 23.46
CA ARG B 107 13.97 -3.32 23.23
C ARG B 107 14.38 -1.85 23.26
N GLY B 108 14.16 -1.21 24.40
CA GLY B 108 14.71 0.11 24.69
C GLY B 108 14.01 1.34 24.16
N ARG B 109 12.86 1.15 23.51
CA ARG B 109 12.19 2.25 22.83
C ARG B 109 10.78 1.87 22.36
N LEU B 110 9.94 2.88 22.16
CA LEU B 110 8.65 2.69 21.51
C LEU B 110 8.82 2.44 20.01
N ARG B 111 8.19 1.37 19.53
CA ARG B 111 8.30 0.96 18.13
C ARG B 111 6.91 0.80 17.51
N SER B 112 6.77 1.30 16.28
CA SER B 112 5.52 1.28 15.54
C SER B 112 5.16 -0.14 15.09
N VAL B 113 3.90 -0.50 15.24
CA VAL B 113 3.38 -1.80 14.86
C VAL B 113 2.92 -1.78 13.40
N PRO B 114 3.58 -2.58 12.55
CA PRO B 114 3.29 -2.61 11.10
C PRO B 114 1.87 -3.05 10.78
N ALA B 115 1.29 -2.42 9.76
CA ALA B 115 -0.13 -2.58 9.44
C ALA B 115 -0.37 -3.52 8.27
N SER B 116 0.67 -3.73 7.45
CA SER B 116 0.58 -4.64 6.33
C SER B 116 1.68 -5.70 6.40
N PRO B 117 1.50 -6.85 5.68
CA PRO B 117 2.59 -7.84 5.54
C PRO B 117 3.91 -7.29 4.95
N PRO B 118 3.86 -6.52 3.84
CA PRO B 118 5.12 -5.94 3.35
C PRO B 118 5.83 -5.04 4.35
N ALA B 119 5.08 -4.20 5.06
CA ALA B 119 5.65 -3.25 6.03
C ALA B 119 6.27 -3.96 7.25
N PHE B 120 5.63 -5.05 7.67
CA PHE B 120 6.11 -5.90 8.76
C PHE B 120 7.49 -6.49 8.48
N LEU B 121 7.70 -6.97 7.27
CA LEU B 121 8.94 -7.67 6.93
C LEU B 121 10.14 -6.70 6.94
N ALA B 122 9.86 -5.43 6.69
CA ALA B 122 10.88 -4.38 6.74
C ALA B 122 11.02 -3.74 8.13
N SER B 123 10.04 -4.01 9.00
CA SER B 123 9.95 -3.40 10.34
C SER B 123 11.07 -3.81 11.28
N ASP B 124 11.34 -2.98 12.29
CA ASP B 124 12.30 -3.33 13.34
C ASP B 124 11.60 -3.73 14.64
N ILE B 125 10.29 -3.93 14.57
CA ILE B 125 9.47 -4.37 15.73
C ILE B 125 10.02 -5.68 16.34
N LEU B 126 10.49 -6.58 15.48
CA LEU B 126 11.11 -7.84 15.90
C LEU B 126 12.41 -8.02 15.14
N PRO B 127 13.35 -8.82 15.69
CA PRO B 127 14.60 -9.13 14.98
C PRO B 127 14.32 -9.99 13.74
N LEU B 128 15.26 -10.03 12.80
CA LEU B 128 15.00 -10.60 11.47
C LEU B 128 14.53 -12.06 11.46
N GLY B 129 15.17 -12.91 12.25
CA GLY B 129 14.81 -14.34 12.35
C GLY B 129 13.42 -14.56 12.91
N ALA B 130 13.02 -13.70 13.86
CA ALA B 130 11.68 -13.66 14.41
C ALA B 130 10.59 -13.26 13.40
N ARG B 131 10.88 -12.24 12.58
CA ARG B 131 10.00 -11.80 11.50
C ARG B 131 9.80 -12.87 10.42
N LEU B 132 10.89 -13.54 10.05
CA LEU B 132 10.84 -14.68 9.12
C LEU B 132 10.08 -15.88 9.69
N ARG B 133 10.17 -16.06 11.01
CA ARG B 133 9.43 -17.10 11.73
C ARG B 133 7.91 -16.86 11.69
N VAL B 134 7.50 -15.59 11.67
CA VAL B 134 6.08 -15.23 11.47
C VAL B 134 5.60 -15.64 10.06
N ALA B 135 6.39 -15.32 9.03
CA ALA B 135 6.15 -15.84 7.69
C ALA B 135 6.04 -17.37 7.66
N GLY B 136 6.85 -18.04 8.48
CA GLY B 136 6.78 -19.51 8.66
C GLY B 136 5.53 -20.06 9.32
N GLU B 137 4.58 -19.18 9.66
CA GLU B 137 3.27 -19.57 10.23
C GLU B 137 2.51 -20.47 9.25
N LEU B 138 2.85 -20.34 7.97
CA LEU B 138 2.35 -21.21 6.92
C LEU B 138 2.56 -22.70 7.20
N PHE B 139 3.56 -23.02 8.01
CA PHE B 139 3.95 -24.40 8.32
C PHE B 139 3.64 -24.78 9.77
N SER B 140 2.81 -23.98 10.43
CA SER B 140 2.32 -24.27 11.78
C SER B 140 1.88 -25.71 11.95
N ARG B 141 2.33 -26.32 13.04
CA ARG B 141 1.91 -27.67 13.40
C ARG B 141 0.43 -27.64 13.78
N ARG B 142 -0.21 -28.79 13.67
CA ARG B 142 -1.60 -28.96 14.05
C ARG B 142 -1.78 -28.54 15.52
N ALA B 143 -2.98 -28.04 15.84
CA ALA B 143 -3.33 -27.73 17.23
C ALA B 143 -3.34 -29.00 18.08
N PRO B 144 -2.99 -28.88 19.38
CA PRO B 144 -3.11 -30.03 20.29
C PRO B 144 -4.57 -30.50 20.41
N GLU B 145 -4.81 -31.78 20.10
CA GLU B 145 -6.18 -32.31 19.97
C GLU B 145 -6.92 -32.44 21.30
N GLY B 146 -8.08 -31.80 21.37
CA GLY B 146 -8.89 -31.78 22.58
C GLY B 146 -8.30 -31.03 23.76
N VAL B 147 -7.33 -30.16 23.51
CA VAL B 147 -6.85 -29.27 24.58
C VAL B 147 -7.30 -27.80 24.43
N ASP B 148 -7.73 -27.23 25.55
CA ASP B 148 -8.02 -25.82 25.64
C ASP B 148 -6.68 -25.09 25.82
N GLU B 149 -6.11 -24.73 24.67
CA GLU B 149 -4.79 -24.12 24.56
C GLU B 149 -4.75 -22.71 25.11
N SER B 150 -3.61 -22.35 25.73
CA SER B 150 -3.40 -21.00 26.23
C SER B 150 -3.08 -20.11 25.06
N LEU B 151 -3.34 -18.82 25.20
CA LEU B 151 -3.05 -17.85 24.15
C LEU B 151 -1.57 -17.90 23.80
N ALA B 152 -0.73 -18.05 24.84
CA ALA B 152 0.72 -18.07 24.70
C ALA B 152 1.25 -19.26 23.96
N ALA B 153 0.71 -20.45 24.29
CA ALA B 153 1.00 -21.71 23.59
C ALA B 153 0.56 -21.68 22.12
N PHE B 154 -0.58 -21.04 21.86
CA PHE B 154 -1.12 -20.86 20.52
C PHE B 154 -0.18 -19.99 19.71
N GLY B 155 0.33 -18.93 20.35
CA GLY B 155 1.24 -18.00 19.70
C GLY B 155 2.60 -18.61 19.38
N ARG B 156 3.11 -19.39 20.32
CA ARG B 156 4.40 -20.06 20.14
C ARG B 156 4.40 -20.96 18.93
N ARG B 157 3.32 -21.72 18.83
CA ARG B 157 3.13 -22.72 17.79
C ARG B 157 2.96 -22.07 16.42
N HIS B 158 2.14 -21.02 16.38
CA HIS B 158 1.87 -20.28 15.14
C HIS B 158 2.94 -19.24 14.76
N LEU B 159 3.34 -18.40 15.73
CA LEU B 159 4.06 -17.13 15.43
C LEU B 159 5.55 -17.13 15.77
N GLY B 160 5.94 -18.02 16.67
CA GLY B 160 7.27 -17.99 17.24
C GLY B 160 7.19 -17.36 18.61
N HIS B 161 8.24 -17.53 19.39
CA HIS B 161 8.35 -17.02 20.76
C HIS B 161 8.38 -15.49 20.83
N ARG B 162 9.09 -14.85 19.92
CA ARG B 162 9.23 -13.38 19.92
C ARG B 162 7.94 -12.61 19.61
N ALA B 163 7.25 -13.02 18.54
CA ALA B 163 5.97 -12.41 18.16
C ALA B 163 4.91 -12.55 19.25
N THR B 164 4.91 -13.70 19.93
CA THR B 164 4.02 -13.92 21.06
C THR B 164 4.43 -13.07 22.25
N GLN B 165 5.74 -12.93 22.45
CA GLN B 165 6.27 -12.35 23.68
C GLN B 165 6.03 -10.84 23.73
N VAL B 166 5.98 -10.22 22.55
CA VAL B 166 5.90 -8.76 22.47
C VAL B 166 4.57 -8.32 21.87
N LEU B 167 4.13 -9.01 20.82
CA LEU B 167 3.04 -8.52 19.99
C LEU B 167 1.70 -9.11 20.41
N LEU B 168 1.66 -10.43 20.52
CA LEU B 168 0.47 -11.13 21.00
C LEU B 168 0.17 -10.77 22.45
N ASP B 169 1.23 -10.68 23.26
CA ASP B 169 1.10 -10.24 24.65
C ASP B 169 0.56 -8.78 24.75
N ALA B 170 1.08 -7.88 23.91
CA ALA B 170 0.53 -6.52 23.82
C ALA B 170 -0.96 -6.52 23.42
N VAL B 171 -1.33 -7.32 22.43
CA VAL B 171 -2.72 -7.41 21.96
C VAL B 171 -3.71 -7.80 23.07
N GLN B 172 -3.39 -8.81 23.87
CA GLN B 172 -4.27 -9.22 24.97
C GLN B 172 -4.24 -8.23 26.14
N THR B 173 -3.09 -7.60 26.38
CA THR B 173 -2.92 -6.60 27.42
C THR B 173 -3.91 -5.43 27.23
N GLY B 174 -4.04 -4.94 26.00
CA GLY B 174 -4.98 -3.88 25.66
C GLY B 174 -6.45 -4.25 25.56
N ILE B 175 -6.77 -5.55 25.61
CA ILE B 175 -8.17 -6.00 25.63
C ILE B 175 -8.57 -6.58 26.98
N TYR B 176 -7.70 -7.40 27.58
CA TYR B 176 -8.04 -8.09 28.83
C TYR B 176 -7.18 -7.68 30.04
N ALA B 177 -6.07 -6.99 29.79
CA ALA B 177 -5.10 -6.74 30.86
C ALA B 177 -4.87 -8.03 31.64
N GLY B 178 -4.54 -9.10 30.91
CA GLY B 178 -4.46 -10.43 31.48
C GLY B 178 -3.07 -11.02 31.52
N ASP B 179 -3.03 -12.35 31.51
CA ASP B 179 -1.79 -13.12 31.50
C ASP B 179 -1.87 -14.03 30.27
N VAL B 180 -1.02 -13.76 29.30
CA VAL B 180 -1.00 -14.49 28.02
C VAL B 180 -0.89 -16.02 28.24
N GLU B 181 -0.28 -16.40 29.37
CA GLU B 181 -0.06 -17.81 29.73
C GLU B 181 -1.31 -18.50 30.30
N GLN B 182 -2.28 -17.70 30.74
CA GLN B 182 -3.48 -18.21 31.42
C GLN B 182 -4.73 -18.13 30.54
N LEU B 183 -4.74 -17.16 29.63
CA LEU B 183 -5.89 -16.91 28.78
C LEU B 183 -6.09 -18.08 27.81
N SER B 184 -7.35 -18.43 27.63
CA SER B 184 -7.75 -19.46 26.70
C SER B 184 -7.91 -18.80 25.33
N VAL B 185 -7.21 -19.31 24.32
CA VAL B 185 -7.37 -18.78 22.96
C VAL B 185 -8.79 -19.01 22.38
N ALA B 186 -9.38 -20.19 22.64
CA ALA B 186 -10.75 -20.47 22.19
C ALA B 186 -11.79 -19.51 22.80
N ALA B 187 -11.62 -19.14 24.07
CA ALA B 187 -12.50 -18.18 24.75
C ALA B 187 -12.26 -16.72 24.36
N THR B 188 -11.01 -16.33 24.17
CA THR B 188 -10.64 -14.93 23.91
C THR B 188 -10.57 -14.57 22.42
N PHE B 189 -10.18 -15.52 21.57
CA PHE B 189 -10.15 -15.28 20.12
C PHE B 189 -10.81 -16.41 19.31
N PRO B 190 -12.15 -16.57 19.44
CA PRO B 190 -12.91 -17.64 18.75
C PRO B 190 -12.67 -17.73 17.24
N MET B 191 -12.55 -16.58 16.57
CA MET B 191 -12.32 -16.50 15.11
C MET B 191 -10.97 -17.07 14.64
N LEU B 192 -9.94 -16.96 15.48
CA LEU B 192 -8.63 -17.49 15.16
C LEU B 192 -8.64 -19.01 15.27
N VAL B 193 -9.28 -19.50 16.32
CA VAL B 193 -9.44 -20.94 16.56
C VAL B 193 -10.30 -21.57 15.45
N LYS B 194 -11.32 -20.85 15.00
CA LYS B 194 -12.16 -21.27 13.89
C LYS B 194 -11.40 -21.40 12.55
N MET B 195 -10.59 -20.39 12.24
CA MET B 195 -9.75 -20.43 11.05
C MET B 195 -8.63 -21.48 11.14
N GLU B 196 -8.18 -21.74 12.36
CA GLU B 196 -7.18 -22.76 12.63
C GLU B 196 -7.75 -24.15 12.35
N ARG B 197 -8.98 -24.38 12.81
CA ARG B 197 -9.69 -25.63 12.54
C ARG B 197 -9.83 -25.88 11.03
N GLU B 198 -10.20 -24.83 10.30
CA GLU B 198 -10.55 -24.94 8.90
C GLU B 198 -9.34 -24.96 7.95
N HIS B 199 -8.25 -24.32 8.36
CA HIS B 199 -7.11 -24.04 7.48
C HIS B 199 -5.73 -24.32 8.08
N ARG B 200 -5.68 -24.59 9.39
CA ARG B 200 -4.42 -24.89 10.08
C ARG B 200 -3.56 -23.64 10.25
N SER B 201 -3.17 -23.06 9.13
CA SER B 201 -2.41 -21.81 9.06
C SER B 201 -3.34 -20.59 8.92
N LEU B 202 -3.06 -19.54 9.69
CA LEU B 202 -3.82 -18.28 9.62
C LEU B 202 -3.55 -17.51 8.31
N ILE B 203 -2.30 -17.48 7.88
CA ILE B 203 -1.91 -16.89 6.60
C ILE B 203 -2.69 -17.55 5.46
N LEU B 204 -2.66 -18.89 5.43
CA LEU B 204 -3.36 -19.71 4.46
C LEU B 204 -4.87 -19.47 4.49
N GLY B 205 -5.42 -19.38 5.70
CA GLY B 205 -6.80 -19.00 5.92
C GLY B 205 -7.17 -17.64 5.32
N ALA B 206 -6.27 -16.67 5.45
CA ALA B 206 -6.52 -15.31 4.96
C ALA B 206 -6.40 -15.16 3.44
N ILE B 207 -5.43 -15.86 2.83
CA ILE B 207 -5.29 -15.90 1.37
C ILE B 207 -6.57 -16.48 0.76
N ARG B 208 -7.01 -17.62 1.30
CA ARG B 208 -8.20 -18.32 0.79
C ARG B 208 -9.48 -17.52 0.96
N ALA B 209 -9.60 -16.77 2.06
CA ALA B 209 -10.77 -15.92 2.33
C ALA B 209 -10.81 -14.74 1.37
N GLN B 210 -9.64 -14.12 1.17
CA GLN B 210 -9.44 -13.04 0.21
C GLN B 210 -9.81 -13.50 -1.19
N LYS B 211 -9.45 -14.75 -1.53
CA LYS B 211 -9.78 -15.33 -2.83
C LYS B 211 -11.28 -15.49 -3.02
N ALA B 212 -11.96 -15.98 -1.98
CA ALA B 212 -13.42 -16.15 -1.97
C ALA B 212 -14.19 -14.82 -1.95
N GLN B 213 -13.52 -13.74 -1.57
CA GLN B 213 -14.10 -12.40 -1.59
C GLN B 213 -13.93 -11.73 -2.96
N ARG B 214 -12.83 -12.02 -3.64
CA ARG B 214 -12.61 -11.51 -5.00
C ARG B 214 -13.55 -12.16 -6.03
N GLN B 215 -14.11 -13.33 -5.66
CA GLN B 215 -15.15 -13.99 -6.45
C GLN B 215 -16.56 -13.64 -5.93
N ALA B 216 -16.61 -12.83 -4.86
CA ALA B 216 -17.85 -12.30 -4.25
C ALA B 216 -18.84 -13.36 -3.73
N LYS B 225 -19.98 -1.69 4.24
CA LYS B 225 -20.94 -0.71 4.73
C LYS B 225 -20.43 0.04 5.98
N LEU B 226 -20.13 -0.72 7.04
CA LEU B 226 -19.58 -0.16 8.29
C LEU B 226 -18.05 -0.10 8.25
N SER B 227 -17.50 1.00 8.77
CA SER B 227 -16.09 1.34 8.61
C SER B 227 -15.09 0.45 9.37
N GLY B 228 -15.51 -0.05 10.53
CA GLY B 228 -14.63 -0.83 11.40
C GLY B 228 -13.68 0.05 12.20
N ALA B 229 -13.85 1.37 12.07
CA ALA B 229 -12.98 2.36 12.69
C ALA B 229 -13.25 2.53 14.18
N LEU B 230 -12.18 2.77 14.93
CA LEU B 230 -12.25 3.03 16.37
C LEU B 230 -13.13 4.27 16.64
N SER B 231 -14.23 4.06 17.38
CA SER B 231 -15.26 5.09 17.53
C SER B 231 -15.66 5.38 18.98
N THR B 232 -16.28 6.54 19.18
CA THR B 232 -16.88 6.94 20.44
C THR B 232 -18.08 7.87 20.14
N PHE B 233 -18.57 8.59 21.13
CA PHE B 233 -19.58 9.62 20.91
C PHE B 233 -18.97 11.00 21.20
N ASP B 234 -19.54 12.05 20.61
CA ASP B 234 -19.00 13.42 20.74
C ASP B 234 -18.79 13.90 22.18
N GLY B 235 -19.58 13.40 23.11
CA GLY B 235 -19.41 13.73 24.53
C GLY B 235 -18.84 12.58 25.35
N GLY B 236 -18.10 11.70 24.68
CA GLY B 236 -17.63 10.46 25.31
C GLY B 236 -18.74 9.42 25.30
N LEU B 237 -18.54 8.32 26.01
CA LEU B 237 -19.49 7.21 25.99
C LEU B 237 -20.70 7.42 26.93
N GLN B 238 -20.61 8.41 27.83
CA GLN B 238 -21.78 8.83 28.63
C GLN B 238 -22.98 9.27 27.81
N VAL B 239 -22.73 9.69 26.57
CA VAL B 239 -23.81 10.05 25.64
C VAL B 239 -24.74 8.87 25.43
N LEU B 240 -24.16 7.67 25.29
CA LEU B 240 -24.93 6.45 25.15
C LEU B 240 -25.68 6.11 26.44
N ILE B 241 -25.00 6.30 27.57
CA ILE B 241 -25.56 6.02 28.90
C ILE B 241 -26.66 6.99 29.32
N ASP B 242 -26.47 8.28 29.01
CA ASP B 242 -27.48 9.32 29.26
C ASP B 242 -28.75 9.08 28.46
N ALA B 243 -28.60 8.60 27.23
CA ALA B 243 -29.74 8.35 26.34
C ALA B 243 -30.48 7.06 26.70
N LEU B 244 -29.74 6.09 27.26
CA LEU B 244 -30.35 4.89 27.83
C LEU B 244 -31.20 5.24 29.06
N ALA B 245 -30.62 6.04 29.95
CA ALA B 245 -31.30 6.51 31.16
C ALA B 245 -32.56 7.36 30.86
N ALA B 246 -32.46 8.22 29.85
CA ALA B 246 -33.58 9.04 29.42
C ALA B 246 -34.72 8.18 28.85
N SER B 247 -34.35 7.20 28.01
CA SER B 247 -35.32 6.29 27.39
C SER B 247 -36.03 5.37 28.39
N LEU B 248 -35.28 4.88 29.38
CA LEU B 248 -35.83 3.95 30.36
C LEU B 248 -36.67 4.65 31.43
N GLY B 249 -36.26 5.85 31.82
CA GLY B 249 -37.05 6.74 32.66
C GLY B 249 -37.35 6.19 34.04
N ASP B 250 -38.62 5.88 34.27
CA ASP B 250 -39.10 5.33 35.55
C ASP B 250 -38.82 3.84 35.70
N ALA B 251 -38.72 3.13 34.58
CA ALA B 251 -38.47 1.69 34.56
C ALA B 251 -37.06 1.28 35.02
N ALA B 252 -36.16 2.26 35.14
CA ALA B 252 -34.81 2.00 35.64
C ALA B 252 -34.63 2.67 36.99
N HIS B 253 -34.19 1.89 37.99
CA HIS B 253 -34.13 2.36 39.37
C HIS B 253 -32.73 2.35 39.95
N VAL B 254 -32.21 3.54 40.24
CA VAL B 254 -30.92 3.67 40.90
C VAL B 254 -31.10 3.63 42.42
N GLY B 255 -30.02 3.36 43.15
CA GLY B 255 -30.07 3.17 44.61
C GLY B 255 -30.82 1.92 45.06
N ALA B 256 -30.98 0.95 44.14
CA ALA B 256 -31.82 -0.23 44.37
C ALA B 256 -31.02 -1.53 44.33
N ARG B 257 -30.43 -1.91 45.48
CA ARG B 257 -29.60 -3.11 45.56
C ARG B 257 -30.46 -4.36 45.74
N VAL B 258 -30.37 -5.27 44.77
CA VAL B 258 -31.08 -6.53 44.82
C VAL B 258 -30.32 -7.46 45.77
N GLU B 259 -31.00 -7.90 46.83
CA GLU B 259 -30.34 -8.67 47.87
C GLU B 259 -30.79 -10.12 48.02
N GLY B 260 -31.91 -10.45 47.38
CA GLY B 260 -32.48 -11.78 47.49
C GLY B 260 -33.22 -12.20 46.24
N LEU B 261 -32.95 -13.43 45.82
CA LEU B 261 -33.59 -14.04 44.68
C LEU B 261 -34.23 -15.35 45.16
N ALA B 262 -35.53 -15.50 44.90
CA ALA B 262 -36.28 -16.67 45.36
C ALA B 262 -37.36 -17.10 44.38
N ARG B 263 -37.72 -18.37 44.44
CA ARG B 263 -38.72 -18.95 43.56
C ARG B 263 -40.14 -18.80 44.13
N GLU B 264 -41.11 -18.55 43.26
CA GLU B 264 -42.53 -18.57 43.62
C GLU B 264 -43.40 -19.12 42.48
N ASP B 265 -44.72 -18.89 42.57
CA ASP B 265 -45.76 -19.42 41.65
C ASP B 265 -45.44 -19.42 40.16
N GLY B 266 -45.68 -18.34 39.46
CA GLY B 266 -45.35 -18.35 38.06
C GLY B 266 -44.13 -17.48 37.84
N GLY B 267 -43.44 -17.16 38.93
CA GLY B 267 -42.33 -16.26 38.84
C GLY B 267 -41.23 -16.37 39.88
N TRP B 268 -40.77 -15.17 40.23
CA TRP B 268 -39.57 -14.96 41.01
C TRP B 268 -39.79 -13.78 41.95
N ARG B 269 -39.32 -13.90 43.20
CA ARG B 269 -39.45 -12.87 44.21
C ARG B 269 -38.10 -12.22 44.52
N LEU B 270 -38.00 -10.92 44.29
CA LEU B 270 -36.78 -10.17 44.57
C LEU B 270 -36.88 -9.38 45.86
N ILE B 271 -35.81 -9.40 46.66
CA ILE B 271 -35.68 -8.57 47.85
C ILE B 271 -34.71 -7.43 47.54
N ILE B 272 -35.20 -6.21 47.72
CA ILE B 272 -34.52 -5.01 47.24
C ILE B 272 -34.36 -4.01 48.39
N GLU B 273 -33.13 -3.56 48.62
CA GLU B 273 -32.90 -2.42 49.50
C GLU B 273 -32.91 -1.10 48.72
N GLU B 274 -33.86 -0.24 49.08
CA GLU B 274 -34.09 1.05 48.45
C GLU B 274 -34.61 2.02 49.50
N HIS B 275 -34.08 3.24 49.49
CA HIS B 275 -34.40 4.27 50.49
C HIS B 275 -33.95 3.87 51.91
N GLY B 276 -33.05 2.88 51.98
CA GLY B 276 -32.51 2.39 53.25
C GLY B 276 -33.31 1.27 53.90
N ARG B 277 -34.29 0.74 53.17
CA ARG B 277 -35.14 -0.32 53.69
C ARG B 277 -35.53 -1.33 52.60
N ARG B 278 -36.09 -2.47 53.01
CA ARG B 278 -36.40 -3.54 52.08
C ARG B 278 -37.83 -3.55 51.58
N ALA B 279 -37.96 -3.78 50.27
CA ALA B 279 -39.23 -4.01 49.62
C ALA B 279 -39.12 -5.30 48.80
N GLU B 280 -40.25 -5.78 48.29
CA GLU B 280 -40.27 -6.99 47.49
C GLU B 280 -40.97 -6.76 46.16
N LEU B 281 -40.49 -7.46 45.14
CA LEU B 281 -40.96 -7.33 43.77
C LEU B 281 -41.20 -8.72 43.20
N SER B 282 -42.34 -8.90 42.52
CA SER B 282 -42.66 -10.17 41.86
C SER B 282 -42.73 -10.02 40.34
N VAL B 283 -41.95 -10.85 39.64
CA VAL B 283 -41.88 -10.84 38.18
C VAL B 283 -41.96 -12.29 37.66
N ALA B 284 -42.26 -12.44 36.37
CA ALA B 284 -42.24 -13.75 35.74
C ALA B 284 -40.80 -14.22 35.45
N GLN B 285 -39.95 -13.30 34.99
CA GLN B 285 -38.61 -13.65 34.56
C GLN B 285 -37.55 -12.68 35.10
N VAL B 286 -36.41 -13.24 35.54
CA VAL B 286 -35.29 -12.45 36.01
C VAL B 286 -34.07 -12.55 35.10
N VAL B 287 -33.52 -11.39 34.74
CA VAL B 287 -32.23 -11.32 34.04
C VAL B 287 -31.16 -10.77 34.99
N LEU B 288 -30.14 -11.57 35.26
CA LEU B 288 -29.03 -11.14 36.10
C LEU B 288 -27.90 -10.56 35.25
N ALA B 289 -27.70 -9.25 35.37
CA ALA B 289 -26.77 -8.51 34.52
C ALA B 289 -25.60 -7.93 35.32
N ALA B 290 -25.46 -8.42 36.56
CA ALA B 290 -24.43 -7.98 37.48
C ALA B 290 -23.11 -8.70 37.20
N PRO B 291 -21.97 -8.19 37.75
CA PRO B 291 -20.70 -8.90 37.61
C PRO B 291 -20.72 -10.27 38.32
N ALA B 292 -19.79 -11.15 37.95
CA ALA B 292 -19.81 -12.55 38.40
C ALA B 292 -19.90 -12.73 39.92
N HIS B 293 -19.22 -11.88 40.68
CA HIS B 293 -19.20 -11.98 42.14
C HIS B 293 -20.58 -11.67 42.71
N ALA B 294 -21.22 -10.63 42.18
CA ALA B 294 -22.52 -10.18 42.65
C ALA B 294 -23.62 -11.17 42.28
N THR B 295 -23.51 -11.75 41.09
CA THR B 295 -24.48 -12.71 40.60
C THR B 295 -24.35 -14.03 41.36
N ALA B 296 -23.11 -14.42 41.69
CA ALA B 296 -22.84 -15.65 42.43
C ALA B 296 -23.54 -15.65 43.79
N LYS B 297 -23.43 -14.53 44.51
CA LYS B 297 -24.04 -14.34 45.82
C LYS B 297 -25.56 -14.56 45.77
N LEU B 298 -26.18 -14.09 44.68
CA LEU B 298 -27.63 -14.23 44.50
C LEU B 298 -28.07 -15.64 44.13
N LEU B 299 -27.18 -16.42 43.53
CA LEU B 299 -27.51 -17.77 43.09
C LEU B 299 -27.24 -18.84 44.16
N ARG B 300 -26.39 -18.51 45.15
CA ARG B 300 -26.00 -19.45 46.22
C ARG B 300 -27.16 -20.23 46.87
N PRO B 301 -28.20 -19.53 47.38
CA PRO B 301 -29.32 -20.27 47.96
C PRO B 301 -30.21 -21.01 46.97
N LEU B 302 -30.05 -20.76 45.67
CA LEU B 302 -30.82 -21.46 44.64
C LEU B 302 -30.09 -22.68 44.10
N ASP B 303 -28.78 -22.52 43.86
CA ASP B 303 -27.93 -23.59 43.33
C ASP B 303 -26.47 -23.38 43.74
N ASP B 304 -26.03 -24.10 44.76
CA ASP B 304 -24.68 -23.93 45.28
C ASP B 304 -23.58 -24.21 44.24
N ALA B 305 -23.80 -25.22 43.39
CA ALA B 305 -22.80 -25.60 42.38
C ALA B 305 -22.69 -24.58 41.23
N LEU B 306 -23.83 -23.98 40.87
CA LEU B 306 -23.90 -22.92 39.86
C LEU B 306 -23.18 -21.65 40.32
N ALA B 307 -23.45 -21.24 41.56
CA ALA B 307 -22.87 -20.06 42.14
C ALA B 307 -21.36 -20.21 42.31
N ALA B 308 -20.91 -21.43 42.57
CA ALA B 308 -19.47 -21.73 42.66
C ALA B 308 -18.76 -21.55 41.29
N LEU B 309 -19.46 -21.91 40.21
CA LEU B 309 -18.97 -21.78 38.85
C LEU B 309 -18.91 -20.32 38.42
N VAL B 310 -19.98 -19.58 38.72
CA VAL B 310 -20.00 -18.14 38.45
C VAL B 310 -18.93 -17.42 39.28
N ALA B 311 -18.79 -17.83 40.55
CA ALA B 311 -17.80 -17.24 41.45
C ALA B 311 -16.36 -17.47 40.99
N GLY B 312 -16.13 -18.57 40.27
CA GLY B 312 -14.80 -18.91 39.79
C GLY B 312 -14.26 -18.05 38.66
N ILE B 313 -15.14 -17.25 38.03
CA ILE B 313 -14.69 -16.34 36.96
C ILE B 313 -13.81 -15.25 37.57
N ALA B 314 -12.53 -15.23 37.18
CA ALA B 314 -11.56 -14.30 37.76
C ALA B 314 -11.68 -12.93 37.13
N TYR B 315 -11.39 -11.90 37.92
CA TYR B 315 -11.38 -10.52 37.42
C TYR B 315 -10.01 -9.94 37.72
N ALA B 316 -9.42 -9.25 36.74
CA ALA B 316 -8.15 -8.56 36.93
C ALA B 316 -8.43 -7.13 37.36
N PRO B 317 -7.73 -6.65 38.42
CA PRO B 317 -7.82 -5.26 38.82
C PRO B 317 -7.11 -4.33 37.84
N ILE B 318 -7.64 -3.14 37.68
CA ILE B 318 -7.09 -2.15 36.77
C ILE B 318 -7.30 -0.72 37.31
N ALA B 319 -6.29 0.13 37.13
CA ALA B 319 -6.43 1.56 37.41
C ALA B 319 -6.22 2.40 36.14
N VAL B 320 -7.07 3.40 35.96
CA VAL B 320 -6.85 4.40 34.92
C VAL B 320 -6.30 5.68 35.54
N VAL B 321 -5.16 6.14 35.04
CA VAL B 321 -4.52 7.35 35.52
C VAL B 321 -4.46 8.39 34.39
N HIS B 322 -5.31 9.41 34.48
CA HIS B 322 -5.37 10.46 33.46
C HIS B 322 -4.39 11.56 33.81
N LEU B 323 -3.53 11.91 32.86
CA LEU B 323 -2.57 12.99 33.04
C LEU B 323 -2.76 14.01 31.93
N GLY B 324 -3.23 15.19 32.32
CA GLY B 324 -3.45 16.27 31.38
C GLY B 324 -2.30 17.24 31.36
N PHE B 325 -2.05 17.86 30.20
CA PHE B 325 -0.93 18.79 30.01
C PHE B 325 -1.42 20.04 29.29
N ASP B 326 -0.89 21.20 29.68
CA ASP B 326 -1.21 22.47 29.00
C ASP B 326 -0.66 22.49 27.59
N ALA B 327 -1.40 23.10 26.66
CA ALA B 327 -0.95 23.28 25.28
C ALA B 327 0.45 23.89 25.19
N GLY B 328 1.28 23.34 24.31
CA GLY B 328 2.64 23.82 24.11
C GLY B 328 3.70 23.35 25.10
N THR B 329 3.28 22.68 26.18
CA THR B 329 4.25 22.19 27.19
C THR B 329 4.94 20.89 26.76
N LEU B 330 4.41 20.26 25.72
CA LEU B 330 4.94 19.03 25.14
C LEU B 330 4.30 18.82 23.76
N PRO B 331 4.93 18.00 22.89
CA PRO B 331 4.26 17.72 21.63
C PRO B 331 3.09 16.76 21.82
N ALA B 332 2.09 16.85 20.94
CA ALA B 332 0.99 15.89 20.91
C ALA B 332 1.57 14.53 20.50
N PRO B 333 1.19 13.45 21.21
CA PRO B 333 1.73 12.14 20.84
C PRO B 333 1.12 11.56 19.57
N ASP B 334 1.96 10.94 18.74
CA ASP B 334 1.50 10.21 17.57
C ASP B 334 0.81 8.90 17.95
N GLY B 335 -0.26 8.59 17.22
CA GLY B 335 -0.88 7.28 17.31
C GLY B 335 -1.97 7.19 18.35
N PHE B 336 -2.63 6.03 18.38
CA PHE B 336 -3.71 5.79 19.32
C PHE B 336 -3.18 5.68 20.76
N GLY B 337 -1.95 5.21 20.88
CA GLY B 337 -1.38 4.96 22.19
C GLY B 337 -0.32 3.89 22.08
N PHE B 338 0.25 3.51 23.23
CA PHE B 338 1.23 2.43 23.26
C PHE B 338 0.89 1.34 24.26
N LEU B 339 1.45 0.16 24.03
CA LEU B 339 1.31 -0.98 24.94
C LEU B 339 2.69 -1.47 25.35
N VAL B 340 2.76 -2.10 26.51
CA VAL B 340 4.04 -2.67 26.95
C VAL B 340 3.89 -4.11 27.44
N PRO B 341 4.66 -5.03 26.82
CA PRO B 341 4.63 -6.46 27.17
C PRO B 341 5.11 -6.70 28.58
N ALA B 342 4.69 -7.82 29.18
CA ALA B 342 5.03 -8.17 30.56
C ALA B 342 6.53 -8.43 30.72
N GLU B 343 7.16 -8.95 29.67
CA GLU B 343 8.58 -9.23 29.68
C GLU B 343 9.46 -7.97 29.81
N GLU B 344 8.88 -6.81 29.51
CA GLU B 344 9.59 -5.54 29.68
C GLU B 344 9.71 -5.16 31.17
N GLN B 345 8.80 -5.71 31.99
CA GLN B 345 8.85 -5.62 33.45
C GLN B 345 8.63 -4.21 33.99
N ARG B 346 7.64 -3.54 33.40
CA ARG B 346 7.28 -2.18 33.78
C ARG B 346 6.08 -2.22 34.73
N ARG B 347 5.77 -1.09 35.35
CA ARG B 347 4.66 -1.04 36.27
C ARG B 347 3.43 -0.49 35.59
N MET B 348 3.54 -0.30 34.28
CA MET B 348 2.46 0.29 33.48
C MET B 348 2.15 -0.61 32.30
N LEU B 349 0.87 -0.75 31.98
CA LEU B 349 0.39 -1.61 30.89
C LEU B 349 0.47 -0.92 29.53
N GLY B 350 0.23 0.39 29.54
CA GLY B 350 0.22 1.16 28.32
C GLY B 350 -0.55 2.44 28.54
N ALA B 351 -0.66 3.25 27.49
CA ALA B 351 -1.43 4.49 27.56
C ALA B 351 -2.21 4.71 26.29
N ILE B 352 -3.40 5.27 26.45
CA ILE B 352 -4.15 5.77 25.31
C ILE B 352 -3.80 7.26 25.14
N HIS B 353 -3.49 7.66 23.91
CA HIS B 353 -3.38 9.08 23.58
C HIS B 353 -4.79 9.56 23.27
N ALA B 354 -5.52 9.92 24.33
CA ALA B 354 -6.96 10.19 24.26
C ALA B 354 -7.32 11.42 23.41
N SER B 355 -6.53 12.48 23.56
CA SER B 355 -6.74 13.73 22.83
C SER B 355 -6.30 13.66 21.38
N THR B 356 -5.28 12.85 21.09
CA THR B 356 -4.81 12.61 19.71
C THR B 356 -5.81 11.75 18.94
N THR B 357 -6.40 10.79 19.63
CA THR B 357 -7.46 9.94 19.06
C THR B 357 -8.77 10.72 18.92
N PHE B 358 -9.16 11.42 19.98
CA PHE B 358 -10.42 12.15 20.01
C PHE B 358 -10.21 13.57 20.52
N PRO B 359 -9.87 14.50 19.61
CA PRO B 359 -9.52 15.89 19.96
C PRO B 359 -10.62 16.68 20.67
N PHE B 360 -11.89 16.36 20.42
CA PHE B 360 -13.04 17.02 21.05
C PHE B 360 -13.16 16.76 22.56
N ARG B 361 -12.37 15.81 23.06
CA ARG B 361 -12.37 15.44 24.47
C ARG B 361 -11.26 16.18 25.25
N ALA B 362 -10.58 17.09 24.56
CA ALA B 362 -9.66 18.03 25.19
C ALA B 362 -9.74 19.36 24.45
N GLU B 363 -10.16 20.41 25.15
CA GLU B 363 -10.29 21.74 24.52
C GLU B 363 -9.05 22.60 24.75
N GLY B 364 -8.83 23.55 23.84
CA GLY B 364 -7.73 24.51 23.95
C GLY B 364 -6.34 23.94 23.78
N GLY B 365 -6.22 22.95 22.88
CA GLY B 365 -4.93 22.29 22.61
C GLY B 365 -4.28 21.48 23.73
N ARG B 366 -5.01 21.21 24.80
CA ARG B 366 -4.49 20.41 25.93
C ARG B 366 -4.27 18.95 25.55
N VAL B 367 -3.28 18.33 26.19
CA VAL B 367 -2.88 16.94 25.89
C VAL B 367 -3.28 16.00 27.03
N LEU B 368 -4.08 14.98 26.68
CA LEU B 368 -4.54 13.95 27.64
C LEU B 368 -3.93 12.57 27.34
N TYR B 369 -3.26 12.02 28.36
CA TYR B 369 -2.79 10.64 28.37
C TYR B 369 -3.65 9.88 29.35
N SER B 370 -4.25 8.77 28.90
CA SER B 370 -4.97 7.86 29.80
C SER B 370 -4.16 6.57 30.00
N CYS B 371 -3.50 6.50 31.16
CA CYS B 371 -2.55 5.44 31.46
C CYS B 371 -3.20 4.25 32.19
N MET B 372 -2.82 3.05 31.79
CA MET B 372 -3.40 1.83 32.37
C MET B 372 -2.41 1.12 33.29
N VAL B 373 -2.87 0.79 34.49
CA VAL B 373 -1.99 0.21 35.50
C VAL B 373 -2.68 -1.00 36.16
N GLY B 374 -1.92 -2.07 36.35
CA GLY B 374 -2.40 -3.25 37.05
C GLY B 374 -2.48 -4.50 36.22
N GLY B 375 -3.70 -4.98 36.00
CA GLY B 375 -3.95 -6.21 35.28
C GLY B 375 -3.70 -7.47 36.10
N ALA B 376 -3.81 -8.61 35.43
CA ALA B 376 -3.64 -9.93 36.05
C ALA B 376 -2.26 -10.21 36.65
N ARG B 377 -1.20 -9.63 36.10
CA ARG B 377 0.16 -9.89 36.61
C ARG B 377 0.67 -8.91 37.69
N GLN B 378 -0.04 -7.80 37.89
CA GLN B 378 0.32 -6.84 38.95
C GLN B 378 -0.90 -6.28 39.64
N PRO B 379 -1.71 -7.14 40.29
CA PRO B 379 -2.94 -6.66 40.88
C PRO B 379 -2.74 -5.74 42.10
N GLY B 380 -1.64 -5.93 42.83
CA GLY B 380 -1.34 -5.15 44.03
C GLY B 380 -1.14 -3.65 43.82
N LEU B 381 -0.74 -3.26 42.62
CA LEU B 381 -0.58 -1.84 42.28
C LEU B 381 -1.88 -1.04 42.36
N VAL B 382 -3.02 -1.71 42.11
CA VAL B 382 -4.33 -1.07 42.11
C VAL B 382 -4.84 -0.76 43.54
N GLU B 383 -4.20 -1.37 44.53
CA GLU B 383 -4.51 -1.14 45.94
C GLU B 383 -3.89 0.15 46.46
N GLN B 384 -2.89 0.67 45.76
CA GLN B 384 -2.21 1.91 46.12
C GLN B 384 -3.11 3.12 45.98
N ASP B 385 -2.77 4.21 46.68
CA ASP B 385 -3.59 5.42 46.64
C ASP B 385 -3.37 6.22 45.36
N GLU B 386 -4.24 7.21 45.14
CA GLU B 386 -4.24 7.98 43.91
C GLU B 386 -2.97 8.79 43.65
N ASP B 387 -2.33 9.27 44.73
CA ASP B 387 -1.06 10.00 44.63
C ASP B 387 0.08 9.11 44.17
N ALA B 388 0.13 7.88 44.71
CA ALA B 388 1.15 6.89 44.38
C ALA B 388 1.03 6.43 42.93
N LEU B 389 -0.21 6.26 42.49
CA LEU B 389 -0.52 5.82 41.13
C LEU B 389 -0.21 6.87 40.08
N ALA B 390 -0.52 8.13 40.39
CA ALA B 390 -0.16 9.28 39.54
C ALA B 390 1.35 9.41 39.40
N ALA B 391 2.06 9.25 40.51
CA ALA B 391 3.51 9.31 40.51
C ALA B 391 4.12 8.16 39.71
N LEU B 392 3.51 6.97 39.81
CA LEU B 392 3.94 5.79 39.07
C LEU B 392 3.76 6.00 37.58
N ALA B 393 2.60 6.51 37.19
CA ALA B 393 2.27 6.81 35.80
C ALA B 393 3.19 7.87 35.21
N ARG B 394 3.55 8.87 36.03
CA ARG B 394 4.49 9.92 35.64
C ARG B 394 5.88 9.32 35.36
N GLU B 395 6.33 8.44 36.27
CA GLU B 395 7.63 7.79 36.21
C GLU B 395 7.73 6.88 34.99
N GLU B 396 6.64 6.17 34.70
CA GLU B 396 6.61 5.25 33.57
C GLU B 396 6.53 5.97 32.22
N LEU B 397 5.70 7.03 32.15
CA LEU B 397 5.63 7.86 30.96
C LEU B 397 6.96 8.50 30.60
N LYS B 398 7.76 8.78 31.62
CA LYS B 398 9.09 9.37 31.41
C LYS B 398 10.11 8.35 30.91
N ALA B 399 10.20 7.23 31.62
CA ALA B 399 11.14 6.15 31.28
C ALA B 399 10.84 5.54 29.91
N LEU B 400 9.55 5.46 29.57
CA LEU B 400 9.09 4.76 28.36
C LEU B 400 8.78 5.65 27.16
N ALA B 401 8.18 6.81 27.38
CA ALA B 401 7.78 7.67 26.27
C ALA B 401 8.58 8.97 26.17
N GLY B 402 9.47 9.22 27.12
CA GLY B 402 10.22 10.48 27.19
C GLY B 402 9.36 11.70 27.54
N VAL B 403 8.22 11.46 28.18
CA VAL B 403 7.37 12.54 28.66
C VAL B 403 8.03 13.14 29.90
N THR B 404 8.24 14.46 29.85
CA THR B 404 9.09 15.15 30.81
C THR B 404 8.37 16.37 31.41
N ALA B 405 7.35 16.87 30.70
CA ALA B 405 6.54 17.99 31.18
C ALA B 405 5.72 17.63 32.41
N ARG B 406 5.44 18.63 33.25
CA ARG B 406 4.62 18.46 34.44
C ARG B 406 3.14 18.58 34.08
N PRO B 407 2.32 17.59 34.51
CA PRO B 407 0.87 17.63 34.26
C PRO B 407 0.16 18.70 35.08
N SER B 408 -0.82 19.35 34.47
CA SER B 408 -1.66 20.33 35.14
C SER B 408 -3.00 19.69 35.54
N PHE B 409 -3.20 18.45 35.13
CA PHE B 409 -4.41 17.69 35.48
C PHE B 409 -4.07 16.24 35.84
N THR B 410 -4.62 15.78 36.96
CA THR B 410 -4.50 14.38 37.39
C THR B 410 -5.85 13.83 37.83
N ARG B 411 -6.23 12.68 37.26
CA ARG B 411 -7.42 11.95 37.68
C ARG B 411 -7.16 10.44 37.69
N VAL B 412 -7.56 9.79 38.78
CA VAL B 412 -7.31 8.35 38.96
C VAL B 412 -8.62 7.59 39.17
N PHE B 413 -8.84 6.54 38.37
CA PHE B 413 -9.96 5.61 38.60
C PHE B 413 -9.46 4.21 38.92
N ARG B 414 -9.92 3.65 40.05
CA ARG B 414 -9.48 2.34 40.51
C ARG B 414 -10.58 1.29 40.42
N TRP B 415 -10.32 0.23 39.66
CA TRP B 415 -11.26 -0.89 39.58
C TRP B 415 -10.66 -2.15 40.20
N PRO B 416 -10.96 -2.40 41.50
CA PRO B 416 -10.44 -3.55 42.27
C PRO B 416 -10.94 -4.90 41.73
N LEU B 417 -11.94 -4.83 40.87
CA LEU B 417 -12.54 -5.97 40.20
C LEU B 417 -12.80 -5.49 38.78
N GLY B 418 -11.76 -5.48 37.96
CA GLY B 418 -11.84 -4.78 36.69
C GLY B 418 -12.37 -5.59 35.53
N ILE B 419 -11.50 -6.42 34.93
CA ILE B 419 -11.84 -7.10 33.69
C ILE B 419 -11.87 -8.62 33.91
N PRO B 420 -13.00 -9.27 33.55
CA PRO B 420 -13.11 -10.73 33.61
C PRO B 420 -12.00 -11.40 32.82
N GLN B 421 -11.47 -12.50 33.35
CA GLN B 421 -10.38 -13.24 32.72
C GLN B 421 -10.90 -14.58 32.20
N TYR B 422 -10.93 -14.71 30.88
CA TYR B 422 -11.38 -15.92 30.20
C TYR B 422 -10.18 -16.85 30.12
N ASN B 423 -9.86 -17.39 31.29
CA ASN B 423 -8.72 -18.25 31.46
C ASN B 423 -9.03 -19.69 30.99
N LEU B 424 -8.01 -20.54 31.02
CA LEU B 424 -8.17 -21.96 30.69
C LEU B 424 -9.35 -22.54 31.43
N GLY B 425 -10.23 -23.21 30.69
CA GLY B 425 -11.40 -23.86 31.28
C GLY B 425 -12.67 -23.05 31.17
N HIS B 426 -12.54 -21.81 30.69
CA HIS B 426 -13.66 -20.84 30.61
C HIS B 426 -14.87 -21.26 29.76
N LEU B 427 -14.64 -21.73 28.53
CA LEU B 427 -15.74 -22.18 27.68
C LEU B 427 -16.52 -23.35 28.32
N GLU B 428 -15.78 -24.29 28.89
CA GLU B 428 -16.36 -25.44 29.59
C GLU B 428 -17.11 -25.02 30.85
N ARG B 429 -16.64 -23.95 31.51
CA ARG B 429 -17.28 -23.41 32.70
C ARG B 429 -18.63 -22.80 32.36
N VAL B 430 -18.68 -22.02 31.28
CA VAL B 430 -19.88 -21.34 30.79
C VAL B 430 -20.92 -22.34 30.29
N ALA B 431 -20.45 -23.44 29.68
CA ALA B 431 -21.31 -24.55 29.26
C ALA B 431 -22.02 -25.21 30.45
N ALA B 432 -21.32 -25.33 31.58
CA ALA B 432 -21.90 -25.87 32.80
C ALA B 432 -22.90 -24.90 33.43
N ILE B 433 -22.58 -23.60 33.38
CA ILE B 433 -23.47 -22.53 33.84
C ILE B 433 -24.79 -22.55 33.05
N ASP B 434 -24.68 -22.60 31.73
CA ASP B 434 -25.84 -22.63 30.85
C ASP B 434 -26.71 -23.86 31.13
N ALA B 435 -26.05 -25.00 31.34
CA ALA B 435 -26.73 -26.27 31.63
C ALA B 435 -27.48 -26.22 32.97
N ALA B 436 -26.81 -25.68 34.00
CA ALA B 436 -27.44 -25.51 35.30
C ALA B 436 -28.64 -24.56 35.26
N LEU B 437 -28.52 -23.48 34.48
CA LEU B 437 -29.59 -22.49 34.30
C LEU B 437 -30.85 -23.01 33.57
N GLN B 438 -30.69 -24.10 32.82
CA GLN B 438 -31.83 -24.75 32.16
C GLN B 438 -32.81 -25.36 33.18
N ARG B 439 -32.29 -25.85 34.30
CA ARG B 439 -33.13 -26.35 35.40
C ARG B 439 -33.59 -25.27 36.39
N LEU B 440 -33.57 -24.01 35.95
CA LEU B 440 -34.08 -22.88 36.71
C LEU B 440 -34.91 -21.96 35.80
N PRO B 441 -36.17 -22.35 35.51
CA PRO B 441 -36.98 -21.65 34.50
C PRO B 441 -37.25 -20.19 34.86
N GLY B 442 -37.13 -19.31 33.87
CA GLY B 442 -37.30 -17.86 34.06
C GLY B 442 -36.06 -17.12 34.56
N LEU B 443 -34.93 -17.82 34.64
CA LEU B 443 -33.67 -17.24 35.12
C LEU B 443 -32.62 -17.20 34.00
N HIS B 444 -32.06 -16.02 33.75
CA HIS B 444 -31.13 -15.80 32.65
C HIS B 444 -29.93 -14.98 33.10
N LEU B 445 -28.79 -15.24 32.47
CA LEU B 445 -27.55 -14.49 32.75
C LEU B 445 -27.12 -13.68 31.54
N ILE B 446 -26.65 -12.46 31.83
CA ILE B 446 -26.04 -11.59 30.83
C ILE B 446 -24.90 -10.81 31.50
N GLY B 447 -23.96 -10.30 30.72
CA GLY B 447 -22.84 -9.54 31.31
C GLY B 447 -21.51 -9.95 30.73
N ASN B 448 -20.48 -9.15 31.03
CA ASN B 448 -19.12 -9.34 30.49
C ASN B 448 -18.36 -10.59 31.03
N ALA B 449 -18.93 -11.24 32.02
CA ALA B 449 -18.30 -12.38 32.68
C ALA B 449 -18.30 -13.64 31.82
N TYR B 450 -19.23 -13.71 30.86
CA TYR B 450 -19.53 -14.96 30.18
C TYR B 450 -19.09 -15.05 28.69
N LYS B 451 -19.60 -14.15 27.85
CA LYS B 451 -19.55 -14.35 26.39
C LYS B 451 -19.06 -13.16 25.57
N GLY B 452 -18.13 -12.40 26.16
CA GLY B 452 -17.59 -11.23 25.48
C GLY B 452 -17.52 -10.05 26.43
N VAL B 453 -16.30 -9.56 26.58
CA VAL B 453 -15.92 -8.51 27.53
C VAL B 453 -16.28 -7.12 27.01
N GLY B 454 -16.20 -6.93 25.70
CA GLY B 454 -16.32 -5.61 25.11
C GLY B 454 -17.73 -5.09 24.97
N LEU B 455 -17.84 -3.77 24.85
CA LEU B 455 -19.10 -3.06 24.62
C LEU B 455 -19.94 -3.69 23.51
N ASN B 456 -19.30 -3.95 22.36
CA ASN B 456 -19.99 -4.55 21.21
C ASN B 456 -20.58 -5.92 21.52
N ASP B 457 -19.80 -6.74 22.21
CA ASP B 457 -20.24 -8.07 22.65
C ASP B 457 -21.44 -7.95 23.58
N CYS B 458 -21.30 -7.11 24.61
CA CYS B 458 -22.37 -6.84 25.56
C CYS B 458 -23.67 -6.39 24.87
N ILE B 459 -23.54 -5.42 23.96
CA ILE B 459 -24.71 -4.90 23.22
C ILE B 459 -25.37 -5.96 22.33
N ARG B 460 -24.58 -6.70 21.55
CA ARG B 460 -25.09 -7.79 20.73
C ARG B 460 -25.78 -8.89 21.56
N ASN B 461 -25.10 -9.38 22.59
CA ASN B 461 -25.64 -10.46 23.44
C ASN B 461 -26.89 -10.07 24.20
N ALA B 462 -27.00 -8.79 24.55
CA ALA B 462 -28.17 -8.26 25.24
C ALA B 462 -29.40 -8.21 24.32
N ALA B 463 -29.19 -7.86 23.05
CA ALA B 463 -30.26 -7.87 22.06
C ALA B 463 -30.79 -9.28 21.80
N GLN B 464 -29.87 -10.26 21.76
CA GLN B 464 -30.21 -11.65 21.46
C GLN B 464 -30.98 -12.38 22.57
N LEU B 465 -30.62 -12.11 23.83
CA LEU B 465 -31.38 -12.60 24.98
C LEU B 465 -32.78 -12.00 24.96
N ALA B 466 -32.86 -10.68 24.83
CA ALA B 466 -34.12 -9.97 24.73
C ALA B 466 -35.01 -10.53 23.60
N ASP B 467 -34.44 -10.75 22.43
CA ASP B 467 -35.16 -11.36 21.30
C ASP B 467 -35.69 -12.76 21.63
N ALA B 468 -34.88 -13.55 22.33
CA ALA B 468 -35.23 -14.91 22.70
C ALA B 468 -36.28 -14.95 23.82
N LEU B 469 -36.30 -13.91 24.66
CA LEU B 469 -37.30 -13.75 25.72
C LEU B 469 -38.66 -13.34 25.16
N VAL B 470 -38.64 -12.42 24.20
CA VAL B 470 -39.84 -11.97 23.49
C VAL B 470 -40.44 -13.10 22.63
N ALA B 471 -39.57 -13.94 22.05
CA ALA B 471 -40.02 -15.10 21.27
C ALA B 471 -40.74 -16.13 22.15
N GLY B 472 -40.30 -16.26 23.41
CA GLY B 472 -40.90 -17.19 24.35
C GLY B 472 -42.01 -16.56 25.17
N ASN B 473 -43.04 -16.07 24.49
CA ASN B 473 -44.21 -15.45 25.13
C ASN B 473 -45.06 -16.47 25.89
#